data_2N5P
# 
_entry.id   2N5P 
# 
_audit_conform.dict_name       mmcif_pdbx.dic 
_audit_conform.dict_version    5.391 
_audit_conform.dict_location   http://mmcif.pdb.org/dictionaries/ascii/mmcif_pdbx.dic 
# 
loop_
_database_2.database_code 
_database_2.database_id 
_database_2.pdbx_database_accession 
_database_2.pdbx_DOI 
RCSB104454   RCSB  ?            ?                   
2N5P         PDB   pdb_00002n5p 10.2210/pdb2n5p/pdb 
25724        BMRB  ?            10.13018/BMR25724   
D_1000104454 WWPDB ?            ?                   
# 
loop_
_pdbx_audit_revision_history.ordinal 
_pdbx_audit_revision_history.data_content_type 
_pdbx_audit_revision_history.major_revision 
_pdbx_audit_revision_history.minor_revision 
_pdbx_audit_revision_history.revision_date 
1 'Structure model' 1 0 2016-09-07 
2 'Structure model' 1 1 2016-12-28 
3 'Structure model' 1 2 2024-05-01 
# 
_pdbx_audit_revision_details.ordinal             1 
_pdbx_audit_revision_details.revision_ordinal    1 
_pdbx_audit_revision_details.data_content_type   'Structure model' 
_pdbx_audit_revision_details.provider            repository 
_pdbx_audit_revision_details.type                'Initial release' 
_pdbx_audit_revision_details.description         ? 
_pdbx_audit_revision_details.details             ? 
# 
loop_
_pdbx_audit_revision_group.ordinal 
_pdbx_audit_revision_group.revision_ordinal 
_pdbx_audit_revision_group.data_content_type 
_pdbx_audit_revision_group.group 
1 2 'Structure model' 'Database references' 
2 3 'Structure model' 'Data collection'     
3 3 'Structure model' 'Database references' 
# 
loop_
_pdbx_audit_revision_category.ordinal 
_pdbx_audit_revision_category.revision_ordinal 
_pdbx_audit_revision_category.data_content_type 
_pdbx_audit_revision_category.category 
1 3 'Structure model' chem_comp_atom        
2 3 'Structure model' chem_comp_bond        
3 3 'Structure model' database_2            
4 3 'Structure model' pdbx_nmr_software     
5 3 'Structure model' pdbx_nmr_spectrometer 
# 
loop_
_pdbx_audit_revision_item.ordinal 
_pdbx_audit_revision_item.revision_ordinal 
_pdbx_audit_revision_item.data_content_type 
_pdbx_audit_revision_item.item 
1 3 'Structure model' '_database_2.pdbx_DOI'                
2 3 'Structure model' '_database_2.pdbx_database_accession' 
3 3 'Structure model' '_pdbx_nmr_software.name'             
4 3 'Structure model' '_pdbx_nmr_spectrometer.model'        
# 
_pdbx_database_status.deposit_site                    BMRB 
_pdbx_database_status.entry_id                        2N5P 
_pdbx_database_status.process_site                    RCSB 
_pdbx_database_status.recvd_initial_deposition_date   2015-07-23 
_pdbx_database_status.SG_entry                        ? 
_pdbx_database_status.status_code                     REL 
_pdbx_database_status.status_code_mr                  REL 
_pdbx_database_status.status_code_sf                  ? 
_pdbx_database_status.status_code_cs                  REL 
_pdbx_database_status.methods_development_category    ? 
_pdbx_database_status.pdb_format_compatible           Y 
_pdbx_database_status.status_code_nmr_data            ? 
# 
loop_
_pdbx_database_related.db_id 
_pdbx_database_related.db_name 
_pdbx_database_related.content_type 
_pdbx_database_related.details 
25724 BMRB unspecified . 
2N5O  PDB  unspecified . 
# 
loop_
_audit_author.name 
_audit_author.pdbx_ordinal 
'Spring-Connell, A.M.' 1 
'Evich, M.G.'          2 
'Seela, F.'            3 
'Germann, M.W.'        4 
# 
_citation.id                        primary 
_citation.title                     
;Using NMR and molecular dynamics to link structure and dynamics effects of the universal base 8-aza, 7-deaza, N8 linked adenosine analog.
;
_citation.journal_abbrev            'Nucleic Acids Res.' 
_citation.journal_volume            44 
_citation.page_first                8576 
_citation.page_last                 8587 
_citation.year                      2016 
_citation.journal_id_ASTM           NARHAD 
_citation.country                   UK 
_citation.journal_id_ISSN           0305-1048 
_citation.journal_id_CSD            0389 
_citation.book_publisher            ? 
_citation.pdbx_database_id_PubMed   27566150 
_citation.pdbx_database_id_DOI      10.1093/nar/gkw736 
# 
loop_
_citation_author.citation_id 
_citation_author.name 
_citation_author.ordinal 
_citation_author.identifier_ORCID 
primary 'Spring-Connell, A.M.' 1 ? 
primary 'Evich, M.G.'          2 ? 
primary 'Debelak, H.'          3 ? 
primary 'Seela, F.'            4 ? 
primary 'Germann, M.W.'        5 ? 
# 
loop_
_entity.id 
_entity.type 
_entity.src_method 
_entity.pdbx_description 
_entity.formula_weight 
_entity.pdbx_number_of_molecules 
_entity.pdbx_ec 
_entity.pdbx_mutation 
_entity.pdbx_fragment 
_entity.details 
1 polymer syn "DNA_(5'-D(*AP*TP*GP*GP*AP*GP*CP*TP*C)-3')" 2755.823 1 ? ? ? ? 
2 polymer syn "DNA_(5'-D(*GP*AP*GP*CP*TP*CP*CP*AP*T)-3')" 2715.799 1 ? ? ? ? 
# 
loop_
_entity_poly.entity_id 
_entity_poly.type 
_entity_poly.nstd_linkage 
_entity_poly.nstd_monomer 
_entity_poly.pdbx_seq_one_letter_code 
_entity_poly.pdbx_seq_one_letter_code_can 
_entity_poly.pdbx_strand_id 
_entity_poly.pdbx_target_identifier 
1 polydeoxyribonucleotide no no '(DA)(DT)(DG)(DG)(DA)(DG)(DC)(DT)(DC)' ATGGAGCTC A ? 
2 polydeoxyribonucleotide no no '(DG)(DA)(DG)(DC)(DT)(DC)(DC)(DA)(DT)' GAGCTCCAT B ? 
# 
loop_
_entity_poly_seq.entity_id 
_entity_poly_seq.num 
_entity_poly_seq.mon_id 
_entity_poly_seq.hetero 
1 1 DA n 
1 2 DT n 
1 3 DG n 
1 4 DG n 
1 5 DA n 
1 6 DG n 
1 7 DC n 
1 8 DT n 
1 9 DC n 
2 1 DG n 
2 2 DA n 
2 3 DG n 
2 4 DC n 
2 5 DT n 
2 6 DC n 
2 7 DC n 
2 8 DA n 
2 9 DT n 
# 
loop_
_pdbx_entity_src_syn.entity_id 
_pdbx_entity_src_syn.pdbx_src_id 
_pdbx_entity_src_syn.pdbx_alt_source_flag 
_pdbx_entity_src_syn.pdbx_beg_seq_num 
_pdbx_entity_src_syn.pdbx_end_seq_num 
_pdbx_entity_src_syn.organism_scientific 
_pdbx_entity_src_syn.organism_common_name 
_pdbx_entity_src_syn.ncbi_taxonomy_id 
_pdbx_entity_src_syn.details 
1 1 sample ? ? 'synthetic construct' ? 32630 ? 
2 1 sample ? ? 'synthetic construct' ? 32630 ? 
# 
loop_
_chem_comp.id 
_chem_comp.type 
_chem_comp.mon_nstd_flag 
_chem_comp.name 
_chem_comp.pdbx_synonyms 
_chem_comp.formula 
_chem_comp.formula_weight 
DA 'DNA linking' y "2'-DEOXYADENOSINE-5'-MONOPHOSPHATE" ? 'C10 H14 N5 O6 P' 331.222 
DC 'DNA linking' y "2'-DEOXYCYTIDINE-5'-MONOPHOSPHATE"  ? 'C9 H14 N3 O7 P'  307.197 
DG 'DNA linking' y "2'-DEOXYGUANOSINE-5'-MONOPHOSPHATE" ? 'C10 H14 N5 O7 P' 347.221 
DT 'DNA linking' y "THYMIDINE-5'-MONOPHOSPHATE"         ? 'C10 H15 N2 O8 P' 322.208 
# 
loop_
_pdbx_poly_seq_scheme.asym_id 
_pdbx_poly_seq_scheme.entity_id 
_pdbx_poly_seq_scheme.seq_id 
_pdbx_poly_seq_scheme.mon_id 
_pdbx_poly_seq_scheme.ndb_seq_num 
_pdbx_poly_seq_scheme.pdb_seq_num 
_pdbx_poly_seq_scheme.auth_seq_num 
_pdbx_poly_seq_scheme.pdb_mon_id 
_pdbx_poly_seq_scheme.auth_mon_id 
_pdbx_poly_seq_scheme.pdb_strand_id 
_pdbx_poly_seq_scheme.pdb_ins_code 
_pdbx_poly_seq_scheme.hetero 
A 1 1 DA 1 1  1  DA DA A . n 
A 1 2 DT 2 2  2  DT DT A . n 
A 1 3 DG 3 3  3  DG DG A . n 
A 1 4 DG 4 4  4  DG DG A . n 
A 1 5 DA 5 5  5  DA DA A . n 
A 1 6 DG 6 6  6  DG DG A . n 
A 1 7 DC 7 7  7  DC DC A . n 
A 1 8 DT 8 8  8  DT DT A . n 
A 1 9 DC 9 9  9  DC DC A . n 
B 2 1 DG 1 10 10 DG DG B . n 
B 2 2 DA 2 11 11 DA DA B . n 
B 2 3 DG 3 12 12 DG DG B . n 
B 2 4 DC 4 13 13 DC DC B . n 
B 2 5 DT 5 14 14 DT DT B . n 
B 2 6 DC 6 15 15 DC DC B . n 
B 2 7 DC 7 16 16 DC DC B . n 
B 2 8 DA 8 17 17 DA DA B . n 
B 2 9 DT 9 18 18 DT DT B . n 
# 
_exptl.absorpt_coefficient_mu     ? 
_exptl.absorpt_correction_T_max   ? 
_exptl.absorpt_correction_T_min   ? 
_exptl.absorpt_correction_type    ? 
_exptl.absorpt_process_details    ? 
_exptl.crystals_number            ? 
_exptl.details                    
'Control DNA oligonucleotide for the universal base. This sequence contains a dA in place of the UB at position 5.' 
_exptl.entry_id                   2N5P 
_exptl.method                     'SOLUTION NMR' 
_exptl.method_details             ? 
# 
_struct.entry_id                  2N5P 
_struct.title                     'Universal base control oligonucleotide structure' 
_struct.pdbx_model_details        'fewest violations, model1' 
_struct.pdbx_CASP_flag            ? 
_struct.pdbx_model_type_details   ? 
# 
_struct_keywords.entry_id        2N5P 
_struct_keywords.pdbx_keywords   DNA 
_struct_keywords.text            'Nucleic Acid, DNA, Universal Base, Synthetic Base' 
# 
loop_
_struct_asym.id 
_struct_asym.pdbx_blank_PDB_chainid_flag 
_struct_asym.pdbx_modified 
_struct_asym.entity_id 
_struct_asym.details 
A N N 1 ? 
B N N 2 ? 
# 
loop_
_struct_ref.id 
_struct_ref.db_name 
_struct_ref.db_code 
_struct_ref.pdbx_db_accession 
_struct_ref.entity_id 
_struct_ref.pdbx_align_begin 
_struct_ref.pdbx_seq_one_letter_code 
_struct_ref.pdbx_db_isoform 
1 PDB 2N5P 2N5P 1 ? ? ? 
2 PDB 2N5P 2N5P 2 ? ? ? 
# 
loop_
_struct_ref_seq.align_id 
_struct_ref_seq.ref_id 
_struct_ref_seq.pdbx_PDB_id_code 
_struct_ref_seq.pdbx_strand_id 
_struct_ref_seq.seq_align_beg 
_struct_ref_seq.pdbx_seq_align_beg_ins_code 
_struct_ref_seq.seq_align_end 
_struct_ref_seq.pdbx_seq_align_end_ins_code 
_struct_ref_seq.pdbx_db_accession 
_struct_ref_seq.db_align_beg 
_struct_ref_seq.pdbx_db_align_beg_ins_code 
_struct_ref_seq.db_align_end 
_struct_ref_seq.pdbx_db_align_end_ins_code 
_struct_ref_seq.pdbx_auth_seq_align_beg 
_struct_ref_seq.pdbx_auth_seq_align_end 
1 1 2N5P A 1 ? 9 ? 2N5P 1  ? 9  ? 1  9  
2 2 2N5P B 1 ? 9 ? 2N5P 10 ? 18 ? 10 18 
# 
_pdbx_struct_assembly.id                   1 
_pdbx_struct_assembly.details              author_defined_assembly 
_pdbx_struct_assembly.method_details       ? 
_pdbx_struct_assembly.oligomeric_details   dimeric 
_pdbx_struct_assembly.oligomeric_count     2 
# 
_pdbx_struct_assembly_gen.assembly_id       1 
_pdbx_struct_assembly_gen.oper_expression   1 
_pdbx_struct_assembly_gen.asym_id_list      A,B 
# 
_pdbx_struct_oper_list.id                   1 
_pdbx_struct_oper_list.type                 'identity operation' 
_pdbx_struct_oper_list.name                 1_555 
_pdbx_struct_oper_list.symmetry_operation   x,y,z 
_pdbx_struct_oper_list.matrix[1][1]         1.0000000000 
_pdbx_struct_oper_list.matrix[1][2]         0.0000000000 
_pdbx_struct_oper_list.matrix[1][3]         0.0000000000 
_pdbx_struct_oper_list.vector[1]            0.0000000000 
_pdbx_struct_oper_list.matrix[2][1]         0.0000000000 
_pdbx_struct_oper_list.matrix[2][2]         1.0000000000 
_pdbx_struct_oper_list.matrix[2][3]         0.0000000000 
_pdbx_struct_oper_list.vector[2]            0.0000000000 
_pdbx_struct_oper_list.matrix[3][1]         0.0000000000 
_pdbx_struct_oper_list.matrix[3][2]         0.0000000000 
_pdbx_struct_oper_list.matrix[3][3]         1.0000000000 
_pdbx_struct_oper_list.vector[3]            0.0000000000 
# 
_struct_biol.id        1 
_struct_biol.details   ? 
# 
loop_
_struct_conn.id 
_struct_conn.conn_type_id 
_struct_conn.pdbx_leaving_atom_flag 
_struct_conn.pdbx_PDB_id 
_struct_conn.ptnr1_label_asym_id 
_struct_conn.ptnr1_label_comp_id 
_struct_conn.ptnr1_label_seq_id 
_struct_conn.ptnr1_label_atom_id 
_struct_conn.pdbx_ptnr1_label_alt_id 
_struct_conn.pdbx_ptnr1_PDB_ins_code 
_struct_conn.pdbx_ptnr1_standard_comp_id 
_struct_conn.ptnr1_symmetry 
_struct_conn.ptnr2_label_asym_id 
_struct_conn.ptnr2_label_comp_id 
_struct_conn.ptnr2_label_seq_id 
_struct_conn.ptnr2_label_atom_id 
_struct_conn.pdbx_ptnr2_label_alt_id 
_struct_conn.pdbx_ptnr2_PDB_ins_code 
_struct_conn.ptnr1_auth_asym_id 
_struct_conn.ptnr1_auth_comp_id 
_struct_conn.ptnr1_auth_seq_id 
_struct_conn.ptnr2_auth_asym_id 
_struct_conn.ptnr2_auth_comp_id 
_struct_conn.ptnr2_auth_seq_id 
_struct_conn.ptnr2_symmetry 
_struct_conn.pdbx_ptnr3_label_atom_id 
_struct_conn.pdbx_ptnr3_label_seq_id 
_struct_conn.pdbx_ptnr3_label_comp_id 
_struct_conn.pdbx_ptnr3_label_asym_id 
_struct_conn.pdbx_ptnr3_label_alt_id 
_struct_conn.pdbx_ptnr3_PDB_ins_code 
_struct_conn.details 
_struct_conn.pdbx_dist_value 
_struct_conn.pdbx_value_order 
_struct_conn.pdbx_role 
hydrog1  hydrog ? ? A DA 1 N1 ? ? ? 1_555 B DT 9 N3 ? ? A DA 1 B DT 18 1_555 ? ? ? ? ? ? WATSON-CRICK ? ? ? 
hydrog2  hydrog ? ? A DA 1 N6 ? ? ? 1_555 B DT 9 O4 ? ? A DA 1 B DT 18 1_555 ? ? ? ? ? ? WATSON-CRICK ? ? ? 
hydrog3  hydrog ? ? A DT 2 N3 ? ? ? 1_555 B DA 8 N1 ? ? A DT 2 B DA 17 1_555 ? ? ? ? ? ? WATSON-CRICK ? ? ? 
hydrog4  hydrog ? ? A DT 2 O4 ? ? ? 1_555 B DA 8 N6 ? ? A DT 2 B DA 17 1_555 ? ? ? ? ? ? WATSON-CRICK ? ? ? 
hydrog5  hydrog ? ? A DG 3 N1 ? ? ? 1_555 B DC 7 N3 ? ? A DG 3 B DC 16 1_555 ? ? ? ? ? ? WATSON-CRICK ? ? ? 
hydrog6  hydrog ? ? A DG 3 N2 ? ? ? 1_555 B DC 7 O2 ? ? A DG 3 B DC 16 1_555 ? ? ? ? ? ? WATSON-CRICK ? ? ? 
hydrog7  hydrog ? ? A DG 3 O6 ? ? ? 1_555 B DC 7 N4 ? ? A DG 3 B DC 16 1_555 ? ? ? ? ? ? WATSON-CRICK ? ? ? 
hydrog8  hydrog ? ? A DG 4 N1 ? ? ? 1_555 B DC 6 N3 ? ? A DG 4 B DC 15 1_555 ? ? ? ? ? ? WATSON-CRICK ? ? ? 
hydrog9  hydrog ? ? A DG 4 N2 ? ? ? 1_555 B DC 6 O2 ? ? A DG 4 B DC 15 1_555 ? ? ? ? ? ? WATSON-CRICK ? ? ? 
hydrog10 hydrog ? ? A DG 4 O6 ? ? ? 1_555 B DC 6 N4 ? ? A DG 4 B DC 15 1_555 ? ? ? ? ? ? WATSON-CRICK ? ? ? 
hydrog11 hydrog ? ? A DA 5 N1 ? ? ? 1_555 B DT 5 N3 ? ? A DA 5 B DT 14 1_555 ? ? ? ? ? ? WATSON-CRICK ? ? ? 
hydrog12 hydrog ? ? A DA 5 N6 ? ? ? 1_555 B DT 5 O4 ? ? A DA 5 B DT 14 1_555 ? ? ? ? ? ? WATSON-CRICK ? ? ? 
hydrog13 hydrog ? ? A DG 6 N1 ? ? ? 1_555 B DC 4 N3 ? ? A DG 6 B DC 13 1_555 ? ? ? ? ? ? WATSON-CRICK ? ? ? 
hydrog14 hydrog ? ? A DG 6 N2 ? ? ? 1_555 B DC 4 O2 ? ? A DG 6 B DC 13 1_555 ? ? ? ? ? ? WATSON-CRICK ? ? ? 
hydrog15 hydrog ? ? A DG 6 O6 ? ? ? 1_555 B DC 4 N4 ? ? A DG 6 B DC 13 1_555 ? ? ? ? ? ? WATSON-CRICK ? ? ? 
hydrog16 hydrog ? ? A DC 7 N3 ? ? ? 1_555 B DG 3 N1 ? ? A DC 7 B DG 12 1_555 ? ? ? ? ? ? WATSON-CRICK ? ? ? 
hydrog17 hydrog ? ? A DC 7 N4 ? ? ? 1_555 B DG 3 O6 ? ? A DC 7 B DG 12 1_555 ? ? ? ? ? ? WATSON-CRICK ? ? ? 
hydrog18 hydrog ? ? A DC 7 O2 ? ? ? 1_555 B DG 3 N2 ? ? A DC 7 B DG 12 1_555 ? ? ? ? ? ? WATSON-CRICK ? ? ? 
hydrog19 hydrog ? ? A DT 8 N3 ? ? ? 1_555 B DA 2 N1 ? ? A DT 8 B DA 11 1_555 ? ? ? ? ? ? WATSON-CRICK ? ? ? 
hydrog20 hydrog ? ? A DT 8 O4 ? ? ? 1_555 B DA 2 N6 ? ? A DT 8 B DA 11 1_555 ? ? ? ? ? ? WATSON-CRICK ? ? ? 
hydrog21 hydrog ? ? A DC 9 N3 ? ? ? 1_555 B DG 1 N1 ? ? A DC 9 B DG 10 1_555 ? ? ? ? ? ? WATSON-CRICK ? ? ? 
hydrog22 hydrog ? ? A DC 9 N4 ? ? ? 1_555 B DG 1 O6 ? ? A DC 9 B DG 10 1_555 ? ? ? ? ? ? WATSON-CRICK ? ? ? 
hydrog23 hydrog ? ? A DC 9 O2 ? ? ? 1_555 B DG 1 N2 ? ? A DC 9 B DG 10 1_555 ? ? ? ? ? ? WATSON-CRICK ? ? ? 
# 
_struct_conn_type.id          hydrog 
_struct_conn_type.criteria    ? 
_struct_conn_type.reference   ? 
# 
loop_
_pdbx_validate_rmsd_angle.id 
_pdbx_validate_rmsd_angle.PDB_model_num 
_pdbx_validate_rmsd_angle.auth_atom_id_1 
_pdbx_validate_rmsd_angle.auth_asym_id_1 
_pdbx_validate_rmsd_angle.auth_comp_id_1 
_pdbx_validate_rmsd_angle.auth_seq_id_1 
_pdbx_validate_rmsd_angle.PDB_ins_code_1 
_pdbx_validate_rmsd_angle.label_alt_id_1 
_pdbx_validate_rmsd_angle.auth_atom_id_2 
_pdbx_validate_rmsd_angle.auth_asym_id_2 
_pdbx_validate_rmsd_angle.auth_comp_id_2 
_pdbx_validate_rmsd_angle.auth_seq_id_2 
_pdbx_validate_rmsd_angle.PDB_ins_code_2 
_pdbx_validate_rmsd_angle.label_alt_id_2 
_pdbx_validate_rmsd_angle.auth_atom_id_3 
_pdbx_validate_rmsd_angle.auth_asym_id_3 
_pdbx_validate_rmsd_angle.auth_comp_id_3 
_pdbx_validate_rmsd_angle.auth_seq_id_3 
_pdbx_validate_rmsd_angle.PDB_ins_code_3 
_pdbx_validate_rmsd_angle.label_alt_id_3 
_pdbx_validate_rmsd_angle.angle_value 
_pdbx_validate_rmsd_angle.angle_target_value 
_pdbx_validate_rmsd_angle.angle_deviation 
_pdbx_validate_rmsd_angle.angle_standard_deviation 
_pdbx_validate_rmsd_angle.linker_flag 
1  1 "O4'" A DA 1  ? ? "C1'" A DA 1  ? ? N9    A DA 1  ? ? 111.70 108.30 3.40  0.30 N 
2  1 C4    A DA 1  ? ? C5    A DA 1  ? ? C6    A DA 1  ? ? 113.13 117.00 -3.87 0.50 N 
3  1 C5    A DA 1  ? ? C6    A DA 1  ? ? N1    A DA 1  ? ? 121.03 117.70 3.33  0.50 N 
4  1 N1    A DA 1  ? ? C6    A DA 1  ? ? N6    A DA 1  ? ? 112.75 118.60 -5.85 0.60 N 
5  1 "O4'" A DT 2  ? ? "C1'" A DT 2  ? ? N1    A DT 2  ? ? 110.65 108.30 2.35  0.30 N 
6  1 "O4'" A DG 4  ? ? "C4'" A DG 4  ? ? "C3'" A DG 4  ? ? 109.95 106.00 3.95  0.60 N 
7  1 C4    A DA 5  ? ? C5    A DA 5  ? ? C6    A DA 5  ? ? 113.75 117.00 -3.25 0.50 N 
8  1 C5    A DA 5  ? ? C6    A DA 5  ? ? N1    A DA 5  ? ? 121.97 117.70 4.27  0.50 N 
9  1 N1    A DA 5  ? ? C6    A DA 5  ? ? N6    A DA 5  ? ? 112.69 118.60 -5.91 0.60 N 
10 1 "O4'" A DG 6  ? ? "C1'" A DG 6  ? ? N9    A DG 6  ? ? 111.11 108.30 2.81  0.30 N 
11 1 "O4'" A DC 7  ? ? "C4'" A DC 7  ? ? "C3'" A DC 7  ? ? 109.75 106.00 3.75  0.60 N 
12 1 N3    A DC 7  ? ? C2    A DC 7  ? ? O2    A DC 7  ? ? 117.66 121.90 -4.24 0.70 N 
13 1 C6    A DT 8  ? ? C5    A DT 8  ? ? C7    A DT 8  ? ? 118.75 122.90 -4.15 0.60 N 
14 1 "O4'" A DC 9  ? ? "C1'" A DC 9  ? ? N1    A DC 9  ? ? 112.81 108.30 4.51  0.30 N 
15 1 N3    A DC 9  ? ? C2    A DC 9  ? ? O2    A DC 9  ? ? 116.97 121.90 -4.93 0.70 N 
16 1 C4    B DA 11 ? ? C5    B DA 11 ? ? C6    B DA 11 ? ? 113.93 117.00 -3.07 0.50 N 
17 1 C5    B DA 11 ? ? C6    B DA 11 ? ? N1    B DA 11 ? ? 121.21 117.70 3.51  0.50 N 
18 1 N1    B DA 11 ? ? C6    B DA 11 ? ? N6    B DA 11 ? ? 114.49 118.60 -4.11 0.60 N 
19 1 "O4'" B DG 12 ? ? "C1'" B DG 12 ? ? N9    B DG 12 ? ? 111.73 108.30 3.43  0.30 N 
20 1 "O4'" B DT 14 ? ? "C4'" B DT 14 ? ? "C3'" B DT 14 ? ? 109.67 106.00 3.67  0.60 N 
21 1 N3    B DC 16 ? ? C2    B DC 16 ? ? O2    B DC 16 ? ? 117.62 121.90 -4.28 0.70 N 
22 1 "O4'" B DA 17 ? ? "C4'" B DA 17 ? ? "C3'" B DA 17 ? ? 111.71 106.00 5.71  0.60 N 
23 1 C4    B DA 17 ? ? C5    B DA 17 ? ? C6    B DA 17 ? ? 113.59 117.00 -3.41 0.50 N 
24 1 C5    B DA 17 ? ? C6    B DA 17 ? ? N1    B DA 17 ? ? 120.71 117.70 3.01  0.50 N 
25 1 N1    B DA 17 ? ? C6    B DA 17 ? ? N6    B DA 17 ? ? 112.85 118.60 -5.75 0.60 N 
26 1 "O4'" B DT 18 ? ? "C1'" B DT 18 ? ? N1    B DT 18 ? ? 110.23 108.30 1.93  0.30 N 
# 
loop_
_pdbx_validate_planes.id 
_pdbx_validate_planes.PDB_model_num 
_pdbx_validate_planes.auth_comp_id 
_pdbx_validate_planes.auth_asym_id 
_pdbx_validate_planes.auth_seq_id 
_pdbx_validate_planes.PDB_ins_code 
_pdbx_validate_planes.label_alt_id 
_pdbx_validate_planes.rmsd 
_pdbx_validate_planes.type 
1 1 DG A 4  ? ? 0.073 'SIDE CHAIN' 
2 1 DT A 8  ? ? 0.059 'SIDE CHAIN' 
3 1 DC A 9  ? ? 0.073 'SIDE CHAIN' 
4 1 DT B 18 ? ? 0.085 'SIDE CHAIN' 
# 
_pdbx_nmr_ensemble.average_constraint_violations_per_residue     ? 
_pdbx_nmr_ensemble.average_constraints_per_residue               ? 
_pdbx_nmr_ensemble.average_distance_constraint_violation         ? 
_pdbx_nmr_ensemble.average_torsion_angle_constraint_violation    ? 
_pdbx_nmr_ensemble.conformer_selection_criteria                  'back calculated data agree with experimental NOESY spectrum' 
_pdbx_nmr_ensemble.conformers_calculated_total_number            10 
_pdbx_nmr_ensemble.conformers_submitted_total_number             1 
_pdbx_nmr_ensemble.distance_constraint_violation_method          ? 
_pdbx_nmr_ensemble.entry_id                                      2N5P 
_pdbx_nmr_ensemble.maximum_distance_constraint_violation         ? 
_pdbx_nmr_ensemble.maximum_lower_distance_constraint_violation   ? 
_pdbx_nmr_ensemble.maximum_torsion_angle_constraint_violation    ? 
_pdbx_nmr_ensemble.maximum_upper_distance_constraint_violation   ? 
_pdbx_nmr_ensemble.torsion_angle_constraint_violation_method     ? 
# 
_pdbx_nmr_representative.conformer_id         1 
_pdbx_nmr_representative.entry_id             2N5P 
_pdbx_nmr_representative.selection_criteria   'fewest violations' 
# 
loop_
_pdbx_nmr_sample_details.contents 
_pdbx_nmr_sample_details.solution_id 
_pdbx_nmr_sample_details.solvent_system 
;1 mM DNA (5'-D(*AP*TP*GP*GP*AP*GP*CP*TP*C)-3'), 1 mM DNA (5'-D(*GP*AP*GP*CP*TP*CP*CP*AP*T)-3'), 100 % 100% Deuterium D2O, 100 mM sodium chloride, 10 mM sodium phosphate, 100% D2O
;
1 '100% D2O'        
;1 mM DNA (5'-D(*AP*TP*GP*GP*AP*GP*CP*TP*C)-3'), 1 mM DNA (5'-D(*GP*AP*GP*CP*TP*CP*CP*AP*T)-3'), 100 mM sodium chloride, 10 mM sodium phosphate, 90 % H2O, 10 % 100% deuterium D2O, 90% H2O/10% D2O
;
2 '90% H2O/10% D2O' 
# 
loop_
_pdbx_nmr_exptl_sample.component 
_pdbx_nmr_exptl_sample.concentration 
_pdbx_nmr_exptl_sample.concentration_range 
_pdbx_nmr_exptl_sample.concentration_units 
_pdbx_nmr_exptl_sample.isotopic_labeling 
_pdbx_nmr_exptl_sample.solution_id 
;DNA (5'-D(*AP*TP*GP*GP*AP*GP*CP*TP*C)-3')-1
;
1   ? mM ?                1 
;DNA (5'-D(*GP*AP*GP*CP*TP*CP*CP*AP*T)-3')-2
;
1   ? mM ?                1 
D2O-3                                         100 ? %  '100% Deuterium' 1 
'sodium chloride-4'                           100 ? mM ?                1 
'sodium phosphate-5'                          10  ? mM ?                1 
;DNA (5'-D(*AP*TP*GP*GP*AP*GP*CP*TP*C)-3')-6
;
1   ? mM ?                2 
;DNA (5'-D(*GP*AP*GP*CP*TP*CP*CP*AP*T)-3')-7
;
1   ? mM ?                2 
'sodium chloride-8'                           100 ? mM ?                2 
'sodium phosphate-9'                          10  ? mM ?                2 
H2O-10                                        90  ? %  ?                2 
D2O-11                                        10  ? %  '100% deuterium' 2 
# 
_pdbx_nmr_exptl_sample_conditions.conditions_id       1 
_pdbx_nmr_exptl_sample_conditions.ionic_strength      100 
_pdbx_nmr_exptl_sample_conditions.pH                  6.79 
_pdbx_nmr_exptl_sample_conditions.pressure            ambient 
_pdbx_nmr_exptl_sample_conditions.pressure_units      ? 
_pdbx_nmr_exptl_sample_conditions.temperature         294 
_pdbx_nmr_exptl_sample_conditions.temperature_units   K 
# 
loop_
_pdbx_nmr_exptl.conditions_id 
_pdbx_nmr_exptl.experiment_id 
_pdbx_nmr_exptl.solution_id 
_pdbx_nmr_exptl.type 
1 1  1 '2D 1H-1H NOESY 75 ms'         
1 2  1 '2D Low Flip COSY'             
1 3  1 '2D 1H-13C HSQC'               
1 4  1 '2D 1H-1H constant time NOESY' 
1 5  1 '2D 1H-1H TOCSY'               
1 6  1 '2D 1H-31P CORR'               
1 7  1 '1D 1H'                        
2 8  2 '1D 1H 1-1 jump and return'    
1 9  1 '1D 31P'                       
1 10 1 '2D 1H-1H NOESY 150 ms'        
1 11 1 '2D 1H-1H NOESY 250 ms'        
# 
_pdbx_nmr_constraints.disulfide_bond_constraints_total_count        ? 
_pdbx_nmr_constraints.entry_id                                      2N5P 
_pdbx_nmr_constraints.hydrogen_bond_constraints_total_count         46 
_pdbx_nmr_constraints.NA_alpha-angle_constraints_total_count        16 
_pdbx_nmr_constraints.NA_beta-angle_constraints_total_count         16 
_pdbx_nmr_constraints.NA_chi-angle_constraints_total_count          ? 
_pdbx_nmr_constraints.NA_delta-angle_constraints_total_count        18 
_pdbx_nmr_constraints.NA_epsilon-angle_constraints_total_count      16 
_pdbx_nmr_constraints.NA_gamma-angle_constraints_total_count        18 
_pdbx_nmr_constraints.NA_other-angle_constraints_total_count        ? 
_pdbx_nmr_constraints.NA_sugar_pucker_constraints_total_count       90 
_pdbx_nmr_constraints.NOE_constraints_total                         143 
_pdbx_nmr_constraints.NOE_interentity_total_count                   ? 
_pdbx_nmr_constraints.NOE_interproton_distance_evaluation           ? 
_pdbx_nmr_constraints.NOE_intraresidue_total_count                  78 
_pdbx_nmr_constraints.NOE_long_range_total_count                    ? 
_pdbx_nmr_constraints.NOE_medium_range_total_count                  ? 
_pdbx_nmr_constraints.NOE_motional_averaging_correction             ? 
_pdbx_nmr_constraints.NOE_pseudoatom_corrections                    ? 
_pdbx_nmr_constraints.NOE_sequential_total_count                    66 
_pdbx_nmr_constraints.protein_chi_angle_constraints_total_count     ? 
_pdbx_nmr_constraints.protein_other_angle_constraints_total_count   ? 
_pdbx_nmr_constraints.protein_phi_angle_constraints_total_count     ? 
_pdbx_nmr_constraints.protein_psi_angle_constraints_total_count     ? 
# 
_pdbx_nmr_refine.entry_id           2N5P 
_pdbx_nmr_refine.method             'molecular dynamics, matrix relaxation, distance geometry' 
_pdbx_nmr_refine.details            
'AMBER 9 restrained MD simulations, MARDIGRAS, CORMA for comparisons of structure to NOE data (Rx values).' 
_pdbx_nmr_refine.software_ordinal   1 
# 
loop_
_pdbx_nmr_software.authors 
_pdbx_nmr_software.classification 
_pdbx_nmr_software.name 
_pdbx_nmr_software.version 
_pdbx_nmr_software.ordinal 
'Case, Darden, Cheatham, III, Simmerling, Wang, Duke, Luo, ... and Kollman' 'structure solution'        Amber     9 1 
'Case, Darden, Cheatham, III, Simmerling, Wang, Duke, Luo, ... and Kollman' refinement                  Amber     9 2 
Goddard                                                                     'chemical shift assignment' Sparky    ? 3 
Goddard                                                                     'peak picking'              Sparky    ? 4 
'Bruker Biospin'                                                            collection                  XwinNMR   ? 5 
'Thomas James'                                                              refinement                  CORMA     ? 6 
'Thomas James'                                                              'data analysis'             CORMA     ? 7 
'Thomas James'                                                              'data analysis'             MARDIGRAS ? 8 
'Thomas James'                                                              refinement                  MARDIGRAS ? 9 
# 
loop_
_chem_comp_atom.comp_id 
_chem_comp_atom.atom_id 
_chem_comp_atom.type_symbol 
_chem_comp_atom.pdbx_aromatic_flag 
_chem_comp_atom.pdbx_stereo_config 
_chem_comp_atom.pdbx_ordinal 
DA OP3    O N N 1   
DA P      P N N 2   
DA OP1    O N N 3   
DA OP2    O N N 4   
DA "O5'"  O N N 5   
DA "C5'"  C N N 6   
DA "C4'"  C N R 7   
DA "O4'"  O N N 8   
DA "C3'"  C N S 9   
DA "O3'"  O N N 10  
DA "C2'"  C N N 11  
DA "C1'"  C N R 12  
DA N9     N Y N 13  
DA C8     C Y N 14  
DA N7     N Y N 15  
DA C5     C Y N 16  
DA C6     C Y N 17  
DA N6     N N N 18  
DA N1     N Y N 19  
DA C2     C Y N 20  
DA N3     N Y N 21  
DA C4     C Y N 22  
DA HOP3   H N N 23  
DA HOP2   H N N 24  
DA "H5'"  H N N 25  
DA "H5''" H N N 26  
DA "H4'"  H N N 27  
DA "H3'"  H N N 28  
DA "HO3'" H N N 29  
DA "H2'"  H N N 30  
DA "H2''" H N N 31  
DA "H1'"  H N N 32  
DA H8     H N N 33  
DA H61    H N N 34  
DA H62    H N N 35  
DA H2     H N N 36  
DC OP3    O N N 37  
DC P      P N N 38  
DC OP1    O N N 39  
DC OP2    O N N 40  
DC "O5'"  O N N 41  
DC "C5'"  C N N 42  
DC "C4'"  C N R 43  
DC "O4'"  O N N 44  
DC "C3'"  C N S 45  
DC "O3'"  O N N 46  
DC "C2'"  C N N 47  
DC "C1'"  C N R 48  
DC N1     N N N 49  
DC C2     C N N 50  
DC O2     O N N 51  
DC N3     N N N 52  
DC C4     C N N 53  
DC N4     N N N 54  
DC C5     C N N 55  
DC C6     C N N 56  
DC HOP3   H N N 57  
DC HOP2   H N N 58  
DC "H5'"  H N N 59  
DC "H5''" H N N 60  
DC "H4'"  H N N 61  
DC "H3'"  H N N 62  
DC "HO3'" H N N 63  
DC "H2'"  H N N 64  
DC "H2''" H N N 65  
DC "H1'"  H N N 66  
DC H41    H N N 67  
DC H42    H N N 68  
DC H5     H N N 69  
DC H6     H N N 70  
DG OP3    O N N 71  
DG P      P N N 72  
DG OP1    O N N 73  
DG OP2    O N N 74  
DG "O5'"  O N N 75  
DG "C5'"  C N N 76  
DG "C4'"  C N R 77  
DG "O4'"  O N N 78  
DG "C3'"  C N S 79  
DG "O3'"  O N N 80  
DG "C2'"  C N N 81  
DG "C1'"  C N R 82  
DG N9     N Y N 83  
DG C8     C Y N 84  
DG N7     N Y N 85  
DG C5     C Y N 86  
DG C6     C N N 87  
DG O6     O N N 88  
DG N1     N N N 89  
DG C2     C N N 90  
DG N2     N N N 91  
DG N3     N N N 92  
DG C4     C Y N 93  
DG HOP3   H N N 94  
DG HOP2   H N N 95  
DG "H5'"  H N N 96  
DG "H5''" H N N 97  
DG "H4'"  H N N 98  
DG "H3'"  H N N 99  
DG "HO3'" H N N 100 
DG "H2'"  H N N 101 
DG "H2''" H N N 102 
DG "H1'"  H N N 103 
DG H8     H N N 104 
DG H1     H N N 105 
DG H21    H N N 106 
DG H22    H N N 107 
DT OP3    O N N 108 
DT P      P N N 109 
DT OP1    O N N 110 
DT OP2    O N N 111 
DT "O5'"  O N N 112 
DT "C5'"  C N N 113 
DT "C4'"  C N R 114 
DT "O4'"  O N N 115 
DT "C3'"  C N S 116 
DT "O3'"  O N N 117 
DT "C2'"  C N N 118 
DT "C1'"  C N R 119 
DT N1     N N N 120 
DT C2     C N N 121 
DT O2     O N N 122 
DT N3     N N N 123 
DT C4     C N N 124 
DT O4     O N N 125 
DT C5     C N N 126 
DT C7     C N N 127 
DT C6     C N N 128 
DT HOP3   H N N 129 
DT HOP2   H N N 130 
DT "H5'"  H N N 131 
DT "H5''" H N N 132 
DT "H4'"  H N N 133 
DT "H3'"  H N N 134 
DT "HO3'" H N N 135 
DT "H2'"  H N N 136 
DT "H2''" H N N 137 
DT "H1'"  H N N 138 
DT H3     H N N 139 
DT H71    H N N 140 
DT H72    H N N 141 
DT H73    H N N 142 
DT H6     H N N 143 
# 
loop_
_chem_comp_bond.comp_id 
_chem_comp_bond.atom_id_1 
_chem_comp_bond.atom_id_2 
_chem_comp_bond.value_order 
_chem_comp_bond.pdbx_aromatic_flag 
_chem_comp_bond.pdbx_stereo_config 
_chem_comp_bond.pdbx_ordinal 
DA OP3   P      sing N N 1   
DA OP3   HOP3   sing N N 2   
DA P     OP1    doub N N 3   
DA P     OP2    sing N N 4   
DA P     "O5'"  sing N N 5   
DA OP2   HOP2   sing N N 6   
DA "O5'" "C5'"  sing N N 7   
DA "C5'" "C4'"  sing N N 8   
DA "C5'" "H5'"  sing N N 9   
DA "C5'" "H5''" sing N N 10  
DA "C4'" "O4'"  sing N N 11  
DA "C4'" "C3'"  sing N N 12  
DA "C4'" "H4'"  sing N N 13  
DA "O4'" "C1'"  sing N N 14  
DA "C3'" "O3'"  sing N N 15  
DA "C3'" "C2'"  sing N N 16  
DA "C3'" "H3'"  sing N N 17  
DA "O3'" "HO3'" sing N N 18  
DA "C2'" "C1'"  sing N N 19  
DA "C2'" "H2'"  sing N N 20  
DA "C2'" "H2''" sing N N 21  
DA "C1'" N9     sing N N 22  
DA "C1'" "H1'"  sing N N 23  
DA N9    C8     sing Y N 24  
DA N9    C4     sing Y N 25  
DA C8    N7     doub Y N 26  
DA C8    H8     sing N N 27  
DA N7    C5     sing Y N 28  
DA C5    C6     sing Y N 29  
DA C5    C4     doub Y N 30  
DA C6    N6     sing N N 31  
DA C6    N1     doub Y N 32  
DA N6    H61    sing N N 33  
DA N6    H62    sing N N 34  
DA N1    C2     sing Y N 35  
DA C2    N3     doub Y N 36  
DA C2    H2     sing N N 37  
DA N3    C4     sing Y N 38  
DC OP3   P      sing N N 39  
DC OP3   HOP3   sing N N 40  
DC P     OP1    doub N N 41  
DC P     OP2    sing N N 42  
DC P     "O5'"  sing N N 43  
DC OP2   HOP2   sing N N 44  
DC "O5'" "C5'"  sing N N 45  
DC "C5'" "C4'"  sing N N 46  
DC "C5'" "H5'"  sing N N 47  
DC "C5'" "H5''" sing N N 48  
DC "C4'" "O4'"  sing N N 49  
DC "C4'" "C3'"  sing N N 50  
DC "C4'" "H4'"  sing N N 51  
DC "O4'" "C1'"  sing N N 52  
DC "C3'" "O3'"  sing N N 53  
DC "C3'" "C2'"  sing N N 54  
DC "C3'" "H3'"  sing N N 55  
DC "O3'" "HO3'" sing N N 56  
DC "C2'" "C1'"  sing N N 57  
DC "C2'" "H2'"  sing N N 58  
DC "C2'" "H2''" sing N N 59  
DC "C1'" N1     sing N N 60  
DC "C1'" "H1'"  sing N N 61  
DC N1    C2     sing N N 62  
DC N1    C6     sing N N 63  
DC C2    O2     doub N N 64  
DC C2    N3     sing N N 65  
DC N3    C4     doub N N 66  
DC C4    N4     sing N N 67  
DC C4    C5     sing N N 68  
DC N4    H41    sing N N 69  
DC N4    H42    sing N N 70  
DC C5    C6     doub N N 71  
DC C5    H5     sing N N 72  
DC C6    H6     sing N N 73  
DG OP3   P      sing N N 74  
DG OP3   HOP3   sing N N 75  
DG P     OP1    doub N N 76  
DG P     OP2    sing N N 77  
DG P     "O5'"  sing N N 78  
DG OP2   HOP2   sing N N 79  
DG "O5'" "C5'"  sing N N 80  
DG "C5'" "C4'"  sing N N 81  
DG "C5'" "H5'"  sing N N 82  
DG "C5'" "H5''" sing N N 83  
DG "C4'" "O4'"  sing N N 84  
DG "C4'" "C3'"  sing N N 85  
DG "C4'" "H4'"  sing N N 86  
DG "O4'" "C1'"  sing N N 87  
DG "C3'" "O3'"  sing N N 88  
DG "C3'" "C2'"  sing N N 89  
DG "C3'" "H3'"  sing N N 90  
DG "O3'" "HO3'" sing N N 91  
DG "C2'" "C1'"  sing N N 92  
DG "C2'" "H2'"  sing N N 93  
DG "C2'" "H2''" sing N N 94  
DG "C1'" N9     sing N N 95  
DG "C1'" "H1'"  sing N N 96  
DG N9    C8     sing Y N 97  
DG N9    C4     sing Y N 98  
DG C8    N7     doub Y N 99  
DG C8    H8     sing N N 100 
DG N7    C5     sing Y N 101 
DG C5    C6     sing N N 102 
DG C5    C4     doub Y N 103 
DG C6    O6     doub N N 104 
DG C6    N1     sing N N 105 
DG N1    C2     sing N N 106 
DG N1    H1     sing N N 107 
DG C2    N2     sing N N 108 
DG C2    N3     doub N N 109 
DG N2    H21    sing N N 110 
DG N2    H22    sing N N 111 
DG N3    C4     sing N N 112 
DT OP3   P      sing N N 113 
DT OP3   HOP3   sing N N 114 
DT P     OP1    doub N N 115 
DT P     OP2    sing N N 116 
DT P     "O5'"  sing N N 117 
DT OP2   HOP2   sing N N 118 
DT "O5'" "C5'"  sing N N 119 
DT "C5'" "C4'"  sing N N 120 
DT "C5'" "H5'"  sing N N 121 
DT "C5'" "H5''" sing N N 122 
DT "C4'" "O4'"  sing N N 123 
DT "C4'" "C3'"  sing N N 124 
DT "C4'" "H4'"  sing N N 125 
DT "O4'" "C1'"  sing N N 126 
DT "C3'" "O3'"  sing N N 127 
DT "C3'" "C2'"  sing N N 128 
DT "C3'" "H3'"  sing N N 129 
DT "O3'" "HO3'" sing N N 130 
DT "C2'" "C1'"  sing N N 131 
DT "C2'" "H2'"  sing N N 132 
DT "C2'" "H2''" sing N N 133 
DT "C1'" N1     sing N N 134 
DT "C1'" "H1'"  sing N N 135 
DT N1    C2     sing N N 136 
DT N1    C6     sing N N 137 
DT C2    O2     doub N N 138 
DT C2    N3     sing N N 139 
DT N3    C4     sing N N 140 
DT N3    H3     sing N N 141 
DT C4    O4     doub N N 142 
DT C4    C5     sing N N 143 
DT C5    C7     sing N N 144 
DT C5    C6     doub N N 145 
DT C7    H71    sing N N 146 
DT C7    H72    sing N N 147 
DT C7    H73    sing N N 148 
DT C6    H6     sing N N 149 
# 
loop_
_ndb_struct_conf_na.entry_id 
_ndb_struct_conf_na.feature 
2N5P 'double helix'        
2N5P 'b-form double helix' 
# 
loop_
_ndb_struct_na_base_pair.model_number 
_ndb_struct_na_base_pair.i_label_asym_id 
_ndb_struct_na_base_pair.i_label_comp_id 
_ndb_struct_na_base_pair.i_label_seq_id 
_ndb_struct_na_base_pair.i_symmetry 
_ndb_struct_na_base_pair.j_label_asym_id 
_ndb_struct_na_base_pair.j_label_comp_id 
_ndb_struct_na_base_pair.j_label_seq_id 
_ndb_struct_na_base_pair.j_symmetry 
_ndb_struct_na_base_pair.shear 
_ndb_struct_na_base_pair.stretch 
_ndb_struct_na_base_pair.stagger 
_ndb_struct_na_base_pair.buckle 
_ndb_struct_na_base_pair.propeller 
_ndb_struct_na_base_pair.opening 
_ndb_struct_na_base_pair.pair_number 
_ndb_struct_na_base_pair.pair_name 
_ndb_struct_na_base_pair.i_auth_asym_id 
_ndb_struct_na_base_pair.i_auth_seq_id 
_ndb_struct_na_base_pair.i_PDB_ins_code 
_ndb_struct_na_base_pair.j_auth_asym_id 
_ndb_struct_na_base_pair.j_auth_seq_id 
_ndb_struct_na_base_pair.j_PDB_ins_code 
_ndb_struct_na_base_pair.hbond_type_28 
_ndb_struct_na_base_pair.hbond_type_12 
1 A DA 1 1_555 B DT 9 1_555 0.218  -0.018 0.130  -11.714 -16.488 2.104  1 A_DA1:DT18_B A 1 ? B 18 ? 20 1 
1 A DT 2 1_555 B DA 8 1_555 -0.267 0.043  0.235  -16.566 -18.695 3.276  2 A_DT2:DA17_B A 2 ? B 17 ? 20 1 
1 A DG 3 1_555 B DC 7 1_555 -0.146 -0.036 -0.111 -16.747 -12.908 0.273  3 A_DG3:DC16_B A 3 ? B 16 ? 19 1 
1 A DG 4 1_555 B DC 6 1_555 0.134  -0.050 -0.198 -7.644  -10.569 0.625  4 A_DG4:DC15_B A 4 ? B 15 ? 19 1 
1 A DA 5 1_555 B DT 5 1_555 0.556  0.089  -0.145 0.483   -3.412  -5.448 5 A_DA5:DT14_B A 5 ? B 14 ? 20 1 
1 A DG 6 1_555 B DC 4 1_555 -0.065 -0.044 0.484  17.264  -16.147 2.088  6 A_DG6:DC13_B A 6 ? B 13 ? 19 1 
1 A DC 7 1_555 B DG 3 1_555 0.088  -0.040 0.166  -0.945  -20.639 1.403  7 A_DC7:DG12_B A 7 ? B 12 ? 19 1 
1 A DT 8 1_555 B DA 2 1_555 -0.056 -0.020 0.056  1.367   -11.094 -3.614 8 A_DT8:DA11_B A 8 ? B 11 ? 20 1 
1 A DC 9 1_555 B DG 1 1_555 0.265  -0.090 -0.001 3.752   -11.787 -2.110 9 A_DC9:DG10_B A 9 ? B 10 ? 19 1 
# 
loop_
_ndb_struct_na_base_pair_step.model_number 
_ndb_struct_na_base_pair_step.i_label_asym_id_1 
_ndb_struct_na_base_pair_step.i_label_comp_id_1 
_ndb_struct_na_base_pair_step.i_label_seq_id_1 
_ndb_struct_na_base_pair_step.i_symmetry_1 
_ndb_struct_na_base_pair_step.j_label_asym_id_1 
_ndb_struct_na_base_pair_step.j_label_comp_id_1 
_ndb_struct_na_base_pair_step.j_label_seq_id_1 
_ndb_struct_na_base_pair_step.j_symmetry_1 
_ndb_struct_na_base_pair_step.i_label_asym_id_2 
_ndb_struct_na_base_pair_step.i_label_comp_id_2 
_ndb_struct_na_base_pair_step.i_label_seq_id_2 
_ndb_struct_na_base_pair_step.i_symmetry_2 
_ndb_struct_na_base_pair_step.j_label_asym_id_2 
_ndb_struct_na_base_pair_step.j_label_comp_id_2 
_ndb_struct_na_base_pair_step.j_label_seq_id_2 
_ndb_struct_na_base_pair_step.j_symmetry_2 
_ndb_struct_na_base_pair_step.shift 
_ndb_struct_na_base_pair_step.slide 
_ndb_struct_na_base_pair_step.rise 
_ndb_struct_na_base_pair_step.tilt 
_ndb_struct_na_base_pair_step.roll 
_ndb_struct_na_base_pair_step.twist 
_ndb_struct_na_base_pair_step.x_displacement 
_ndb_struct_na_base_pair_step.y_displacement 
_ndb_struct_na_base_pair_step.helical_rise 
_ndb_struct_na_base_pair_step.inclination 
_ndb_struct_na_base_pair_step.tip 
_ndb_struct_na_base_pair_step.helical_twist 
_ndb_struct_na_base_pair_step.step_number 
_ndb_struct_na_base_pair_step.step_name 
_ndb_struct_na_base_pair_step.i_auth_asym_id_1 
_ndb_struct_na_base_pair_step.i_auth_seq_id_1 
_ndb_struct_na_base_pair_step.i_PDB_ins_code_1 
_ndb_struct_na_base_pair_step.j_auth_asym_id_1 
_ndb_struct_na_base_pair_step.j_auth_seq_id_1 
_ndb_struct_na_base_pair_step.j_PDB_ins_code_1 
_ndb_struct_na_base_pair_step.i_auth_asym_id_2 
_ndb_struct_na_base_pair_step.i_auth_seq_id_2 
_ndb_struct_na_base_pair_step.i_PDB_ins_code_2 
_ndb_struct_na_base_pair_step.j_auth_asym_id_2 
_ndb_struct_na_base_pair_step.j_auth_seq_id_2 
_ndb_struct_na_base_pair_step.j_PDB_ins_code_2 
1 A DA 1 1_555 B DT 9 1_555 A DT 2 1_555 B DA 8 1_555 -0.656 -0.906 3.431 1.020  -5.829 34.930 -0.573 1.239  3.512 -9.625 -1.684 
35.413 1 AA_DA1DT2:DA17DT18_BB A 1 ? B 18 ? A 2 ? B 17 ? 
1 A DT 2 1_555 B DA 8 1_555 A DG 3 1_555 B DC 7 1_555 -0.742 -0.527 3.433 0.634  2.948  31.724 -1.519 1.472  3.356 5.378  -1.157 
31.863 2 AA_DT2DG3:DC16DA17_BB A 2 ? B 17 ? A 3 ? B 16 ? 
1 A DG 3 1_555 B DC 7 1_555 A DG 4 1_555 B DC 6 1_555 0.426  0.388  3.180 -1.806 6.109  34.320 -0.260 -0.979 3.175 10.243 3.028  
34.889 3 AA_DG3DG4:DC15DC16_BB A 3 ? B 16 ? A 4 ? B 15 ? 
1 A DG 4 1_555 B DC 6 1_555 A DA 5 1_555 B DT 5 1_555 -1.221 0.510  3.071 -3.206 -1.995 40.123 0.955  1.428  3.128 -2.900 4.660  
40.293 4 AA_DG4DA5:DT14DC15_BB A 4 ? B 15 ? A 5 ? B 14 ? 
1 A DA 5 1_555 B DT 5 1_555 A DG 6 1_555 B DC 4 1_555 0.891  -0.050 2.954 -6.480 8.912  24.963 -2.043 -3.299 2.485 19.452 14.143 
27.251 5 AA_DA5DG6:DC13DT14_BB A 5 ? B 14 ? A 6 ? B 13 ? 
1 A DG 6 1_555 B DC 4 1_555 A DC 7 1_555 B DG 3 1_555 -0.232 -0.524 3.626 1.073  -2.217 44.270 -0.465 0.418  3.640 -2.939 -1.423 
44.335 6 AA_DG6DC7:DG12DC13_BB A 6 ? B 13 ? A 7 ? B 12 ? 
1 A DC 7 1_555 B DG 3 1_555 A DT 8 1_555 B DA 2 1_555 -0.775 -0.019 3.453 2.157  7.895  28.906 -1.738 1.961  3.269 15.430 -4.215 
30.019 7 AA_DC7DT8:DA11DG12_BB A 7 ? B 12 ? A 8 ? B 11 ? 
1 A DT 8 1_555 B DA 2 1_555 A DC 9 1_555 B DG 1 1_555 1.402  1.009  3.262 4.359  4.924  33.153 0.903  -1.673 3.522 8.525  -7.547 
33.781 8 AA_DT8DC9:DG10DA11_BB A 8 ? B 11 ? A 9 ? B 10 ? 
# 
loop_
_pdbx_nmr_spectrometer.field_strength 
_pdbx_nmr_spectrometer.manufacturer 
_pdbx_nmr_spectrometer.model 
_pdbx_nmr_spectrometer.spectrometer_id 
_pdbx_nmr_spectrometer.type 
600 Bruker AVANCE 1 'Bruker Avance' 
500 Bruker AVANCE 2 'Bruker Avance' 
# 
_atom_sites.entry_id                    2N5P 
_atom_sites.fract_transf_matrix[1][1]   1.000000 
_atom_sites.fract_transf_matrix[1][2]   0.000000 
_atom_sites.fract_transf_matrix[1][3]   0.000000 
_atom_sites.fract_transf_matrix[2][1]   0.000000 
_atom_sites.fract_transf_matrix[2][2]   1.000000 
_atom_sites.fract_transf_matrix[2][3]   0.000000 
_atom_sites.fract_transf_matrix[3][1]   0.000000 
_atom_sites.fract_transf_matrix[3][2]   0.000000 
_atom_sites.fract_transf_matrix[3][3]   1.000000 
_atom_sites.fract_transf_vector[1]      0.00000 
_atom_sites.fract_transf_vector[2]      0.00000 
_atom_sites.fract_transf_vector[3]      0.00000 
# 
loop_
_atom_type.symbol 
C 
H 
N 
O 
P 
# 
loop_
_atom_site.group_PDB 
_atom_site.id 
_atom_site.type_symbol 
_atom_site.label_atom_id 
_atom_site.label_alt_id 
_atom_site.label_comp_id 
_atom_site.label_asym_id 
_atom_site.label_entity_id 
_atom_site.label_seq_id 
_atom_site.pdbx_PDB_ins_code 
_atom_site.Cartn_x 
_atom_site.Cartn_y 
_atom_site.Cartn_z 
_atom_site.occupancy 
_atom_site.B_iso_or_equiv 
_atom_site.pdbx_formal_charge 
_atom_site.auth_seq_id 
_atom_site.auth_comp_id 
_atom_site.auth_asym_id 
_atom_site.auth_atom_id 
_atom_site.pdbx_PDB_model_num 
ATOM 1   O "O5'"  . DA A 1 1 ? 10.607  -13.085 -2.308  1.00 0.00 ? 1  DA A "O5'"  1 
ATOM 2   C "C5'"  . DA A 1 1 ? 11.060  -14.015 -1.331  1.00 0.00 ? 1  DA A "C5'"  1 
ATOM 3   C "C4'"  . DA A 1 1 ? 10.580  -13.721 0.104   1.00 0.00 ? 1  DA A "C4'"  1 
ATOM 4   O "O4'"  . DA A 1 1 ? 11.301  -12.602 0.618   1.00 0.00 ? 1  DA A "O4'"  1 
ATOM 5   C "C3'"  . DA A 1 1 ? 9.085   -13.395 0.233   1.00 0.00 ? 1  DA A "C3'"  1 
ATOM 6   O "O3'"  . DA A 1 1 ? 8.587   -13.862 1.483   1.00 0.00 ? 1  DA A "O3'"  1 
ATOM 7   C "C2'"  . DA A 1 1 ? 9.081   -11.873 0.147   1.00 0.00 ? 1  DA A "C2'"  1 
ATOM 8   C "C1'"  . DA A 1 1 ? 10.413  -11.505 0.790   1.00 0.00 ? 1  DA A "C1'"  1 
ATOM 9   N N9     . DA A 1 1 ? 10.962  -10.262 0.209   1.00 0.00 ? 1  DA A N9     1 
ATOM 10  C C8     . DA A 1 1 ? 11.387  -10.006 -1.074  1.00 0.00 ? 1  DA A C8     1 
ATOM 11  N N7     . DA A 1 1 ? 11.771  -8.769  -1.282  1.00 0.00 ? 1  DA A N7     1 
ATOM 12  C C5     . DA A 1 1 ? 11.572  -8.169  -0.022  1.00 0.00 ? 1  DA A C5     1 
ATOM 13  C C6     . DA A 1 1 ? 11.782  -6.883  0.538   1.00 0.00 ? 1  DA A C6     1 
ATOM 14  N N6     . DA A 1 1 ? 12.286  -5.837  -0.084  1.00 0.00 ? 1  DA A N6     1 
ATOM 15  N N1     . DA A 1 1 ? 11.489  -6.632  1.815   1.00 0.00 ? 1  DA A N1     1 
ATOM 16  C C2     . DA A 1 1 ? 10.995  -7.613  2.552   1.00 0.00 ? 1  DA A C2     1 
ATOM 17  N N3     . DA A 1 1 ? 10.747  -8.859  2.185   1.00 0.00 ? 1  DA A N3     1 
ATOM 18  C C4     . DA A 1 1 ? 11.073  -9.073  0.880   1.00 0.00 ? 1  DA A C4     1 
ATOM 19  H "H5'"  . DA A 1 1 ? 12.152  -14.032 -1.330  1.00 0.00 ? 1  DA A "H5'"  1 
ATOM 20  H "H5''" . DA A 1 1 ? 10.714  -15.009 -1.610  1.00 0.00 ? 1  DA A "H5''" 1 
ATOM 21  H "H4'"  . DA A 1 1 ? 10.797  -14.601 0.711   1.00 0.00 ? 1  DA A "H4'"  1 
ATOM 22  H "H3'"  . DA A 1 1 ? 8.524   -13.842 -0.590  1.00 0.00 ? 1  DA A "H3'"  1 
ATOM 23  H "H2'"  . DA A 1 1 ? 9.046   -11.560 -0.897  1.00 0.00 ? 1  DA A "H2'"  1 
ATOM 24  H "H2''" . DA A 1 1 ? 8.252   -11.426 0.689   1.00 0.00 ? 1  DA A "H2''" 1 
ATOM 25  H "H1'"  . DA A 1 1 ? 10.244  -11.348 1.859   1.00 0.00 ? 1  DA A "H1'"  1 
ATOM 26  H H8     . DA A 1 1 ? 11.402  -10.773 -1.838  1.00 0.00 ? 1  DA A H8     1 
ATOM 27  H H61    . DA A 1 1 ? 12.489  -5.882  -1.079  1.00 0.00 ? 1  DA A H61    1 
ATOM 28  H H62    . DA A 1 1 ? 12.522  -5.027  0.471   1.00 0.00 ? 1  DA A H62    1 
ATOM 29  H H2     . DA A 1 1 ? 10.755  -7.365  3.576   1.00 0.00 ? 1  DA A H2     1 
ATOM 30  H "HO5'" . DA A 1 1 ? 11.301  -13.000 -3.013  1.00 0.00 ? 1  DA A "HO5'" 1 
ATOM 31  P P      . DT A 1 2 ? 7.049   -13.713 1.906   1.00 0.00 ? 2  DT A P      1 
ATOM 32  O OP1    . DT A 1 2 ? 6.671   -14.899 2.712   1.00 0.00 ? 2  DT A OP1    1 
ATOM 33  O OP2    . DT A 1 2 ? 6.240   -13.370 0.713   1.00 0.00 ? 2  DT A OP2    1 
ATOM 34  O "O5'"  . DT A 1 2 ? 7.048   -12.438 2.870   1.00 0.00 ? 2  DT A "O5'"  1 
ATOM 35  C "C5'"  . DT A 1 2 ? 7.856   -12.408 4.043   1.00 0.00 ? 2  DT A "C5'"  1 
ATOM 36  C "C4'"  . DT A 1 2 ? 7.647   -11.165 4.924   1.00 0.00 ? 2  DT A "C4'"  1 
ATOM 37  O "O4'"  . DT A 1 2 ? 8.197   -10.025 4.271   1.00 0.00 ? 2  DT A "O4'"  1 
ATOM 38  C "C3'"  . DT A 1 2 ? 6.199   -10.832 5.311   1.00 0.00 ? 2  DT A "C3'"  1 
ATOM 39  O "O3'"  . DT A 1 2 ? 6.180   -10.399 6.674   1.00 0.00 ? 2  DT A "O3'"  1 
ATOM 40  C "C2'"  . DT A 1 2 ? 5.867   -9.707  4.340   1.00 0.00 ? 2  DT A "C2'"  1 
ATOM 41  C "C1'"  . DT A 1 2 ? 7.216   -8.999  4.239   1.00 0.00 ? 2  DT A "C1'"  1 
ATOM 42  N N1     . DT A 1 2 ? 7.381   -8.155  3.031   1.00 0.00 ? 2  DT A N1     1 
ATOM 43  C C2     . DT A 1 2 ? 7.727   -6.806  3.170   1.00 0.00 ? 2  DT A C2     1 
ATOM 44  O O2     . DT A 1 2 ? 7.820   -6.232  4.257   1.00 0.00 ? 2  DT A O2     1 
ATOM 45  N N3     . DT A 1 2 ? 7.996   -6.120  2.007   1.00 0.00 ? 2  DT A N3     1 
ATOM 46  C C4     . DT A 1 2 ? 7.964   -6.641  0.733   1.00 0.00 ? 2  DT A C4     1 
ATOM 47  O O4     . DT A 1 2 ? 8.296   -5.921  -0.210  1.00 0.00 ? 2  DT A O4     1 
ATOM 48  C C5     . DT A 1 2 ? 7.550   -8.042  0.658   1.00 0.00 ? 2  DT A C5     1 
ATOM 49  C C7     . DT A 1 2 ? 7.442   -8.736  -0.686  1.00 0.00 ? 2  DT A C7     1 
ATOM 50  C C6     . DT A 1 2 ? 7.276   -8.738  1.795   1.00 0.00 ? 2  DT A C6     1 
ATOM 51  H "H5'"  . DT A 1 2 ? 8.906   -12.447 3.754   1.00 0.00 ? 2  DT A "H5'"  1 
ATOM 52  H "H5''" . DT A 1 2 ? 7.655   -13.291 4.648   1.00 0.00 ? 2  DT A "H5''" 1 
ATOM 53  H "H4'"  . DT A 1 2 ? 8.193   -11.331 5.851   1.00 0.00 ? 2  DT A "H4'"  1 
ATOM 54  H "H3'"  . DT A 1 2 ? 5.516   -11.665 5.142   1.00 0.00 ? 2  DT A "H3'"  1 
ATOM 55  H "H2'"  . DT A 1 2 ? 5.556   -10.132 3.386   1.00 0.00 ? 2  DT A "H2'"  1 
ATOM 56  H "H2''" . DT A 1 2 ? 5.095   -9.052  4.728   1.00 0.00 ? 2  DT A "H2''" 1 
ATOM 57  H "H1'"  . DT A 1 2 ? 7.329   -8.385  5.119   1.00 0.00 ? 2  DT A "H1'"  1 
ATOM 58  H H3     . DT A 1 2 ? 8.305   -5.163  2.090   1.00 0.00 ? 2  DT A H3     1 
ATOM 59  H H71    . DT A 1 2 ? 6.761   -8.171  -1.325  1.00 0.00 ? 2  DT A H71    1 
ATOM 60  H H72    . DT A 1 2 ? 8.419   -8.761  -1.168  1.00 0.00 ? 2  DT A H72    1 
ATOM 61  H H73    . DT A 1 2 ? 7.056   -9.749  -0.582  1.00 0.00 ? 2  DT A H73    1 
ATOM 62  H H6     . DT A 1 2 ? 7.012   -9.781  1.777   1.00 0.00 ? 2  DT A H6     1 
ATOM 63  P P      . DG A 1 3 ? 4.834   -10.029 7.460   1.00 0.00 ? 3  DG A P      1 
ATOM 64  O OP1    . DG A 1 3 ? 5.038   -10.334 8.894   1.00 0.00 ? 3  DG A OP1    1 
ATOM 65  O OP2    . DG A 1 3 ? 3.690   -10.660 6.770   1.00 0.00 ? 3  DG A OP2    1 
ATOM 66  O "O5'"  . DG A 1 3 ? 4.674   -8.438  7.335   1.00 0.00 ? 3  DG A "O5'"  1 
ATOM 67  C "C5'"  . DG A 1 3 ? 5.456   -7.555  8.136   1.00 0.00 ? 3  DG A "C5'"  1 
ATOM 68  C "C4'"  . DG A 1 3 ? 5.030   -6.081  8.045   1.00 0.00 ? 3  DG A "C4'"  1 
ATOM 69  O "O4'"  . DG A 1 3 ? 5.462   -5.494  6.824   1.00 0.00 ? 3  DG A "O4'"  1 
ATOM 70  C "C3'"  . DG A 1 3 ? 3.518   -5.844  8.197   1.00 0.00 ? 3  DG A "C3'"  1 
ATOM 71  O "O3'"  . DG A 1 3 ? 3.327   -4.795  9.142   1.00 0.00 ? 3  DG A "O3'"  1 
ATOM 72  C "C2'"  . DG A 1 3 ? 3.109   -5.446  6.782   1.00 0.00 ? 3  DG A "C2'"  1 
ATOM 73  C "C1'"  . DG A 1 3 ? 4.377   -4.773  6.266   1.00 0.00 ? 3  DG A "C1'"  1 
ATOM 74  N N9     . DG A 1 3 ? 4.523   -4.742  4.792   1.00 0.00 ? 3  DG A N9     1 
ATOM 75  C C8     . DG A 1 3 ? 4.222   -5.707  3.863   1.00 0.00 ? 3  DG A C8     1 
ATOM 76  N N7     . DG A 1 3 ? 4.513   -5.381  2.631   1.00 0.00 ? 3  DG A N7     1 
ATOM 77  C C5     . DG A 1 3 ? 5.015   -4.077  2.745   1.00 0.00 ? 3  DG A C5     1 
ATOM 78  C C6     . DG A 1 3 ? 5.471   -3.133  1.757   1.00 0.00 ? 3  DG A C6     1 
ATOM 79  O O6     . DG A 1 3 ? 5.555   -3.254  0.535   1.00 0.00 ? 3  DG A O6     1 
ATOM 80  N N1     . DG A 1 3 ? 5.820   -1.912  2.286   1.00 0.00 ? 3  DG A N1     1 
ATOM 81  C C2     . DG A 1 3 ? 5.750   -1.610  3.601   1.00 0.00 ? 3  DG A C2     1 
ATOM 82  N N2     . DG A 1 3 ? 6.095   -0.404  3.937   1.00 0.00 ? 3  DG A N2     1 
ATOM 83  N N3     . DG A 1 3 ? 5.393   -2.460  4.562   1.00 0.00 ? 3  DG A N3     1 
ATOM 84  C C4     . DG A 1 3 ? 5.010   -3.678  4.066   1.00 0.00 ? 3  DG A C4     1 
ATOM 85  H "H5'"  . DG A 1 3 ? 6.506   -7.639  7.853   1.00 0.00 ? 3  DG A "H5'"  1 
ATOM 86  H "H5''" . DG A 1 3 ? 5.363   -7.850  9.183   1.00 0.00 ? 3  DG A "H5''" 1 
ATOM 87  H "H4'"  . DG A 1 3 ? 5.504   -5.544  8.864   1.00 0.00 ? 3  DG A "H4'"  1 
ATOM 88  H "H3'"  . DG A 1 3 ? 3.004   -6.754  8.515   1.00 0.00 ? 3  DG A "H3'"  1 
ATOM 89  H "H2'"  . DG A 1 3 ? 2.874   -6.344  6.210   1.00 0.00 ? 3  DG A "H2'"  1 
ATOM 90  H "H2''" . DG A 1 3 ? 2.269   -4.755  6.779   1.00 0.00 ? 3  DG A "H2''" 1 
ATOM 91  H "H1'"  . DG A 1 3 ? 4.409   -3.737  6.613   1.00 0.00 ? 3  DG A "H1'"  1 
ATOM 92  H H8     . DG A 1 3 ? 3.790   -6.657  4.145   1.00 0.00 ? 3  DG A H8     1 
ATOM 93  H H1     . DG A 1 3 ? 6.194   -1.221  1.652   1.00 0.00 ? 3  DG A H1     1 
ATOM 94  H H21    . DG A 1 3 ? 6.418   0.250   3.229   1.00 0.00 ? 3  DG A H21    1 
ATOM 95  H H22    . DG A 1 3 ? 6.128   -0.156  4.911   1.00 0.00 ? 3  DG A H22    1 
ATOM 96  P P      . DG A 1 4 ? 1.896   -4.337  9.688   1.00 0.00 ? 4  DG A P      1 
ATOM 97  O OP1    . DG A 1 4 ? 2.064   -4.015  11.123  1.00 0.00 ? 4  DG A OP1    1 
ATOM 98  O OP2    . DG A 1 4 ? 0.848   -5.304  9.281   1.00 0.00 ? 4  DG A OP2    1 
ATOM 99  O "O5'"  . DG A 1 4 ? 1.603   -2.984  8.916   1.00 0.00 ? 4  DG A "O5'"  1 
ATOM 100 C "C5'"  . DG A 1 4 ? 2.290   -1.784  9.242   1.00 0.00 ? 4  DG A "C5'"  1 
ATOM 101 C "C4'"  . DG A 1 4 ? 1.975   -0.668  8.240   1.00 0.00 ? 4  DG A "C4'"  1 
ATOM 102 O "O4'"  . DG A 1 4 ? 2.515   -0.981  6.973   1.00 0.00 ? 4  DG A "O4'"  1 
ATOM 103 C "C3'"  . DG A 1 4 ? 0.476   -0.355  8.108   1.00 0.00 ? 4  DG A "C3'"  1 
ATOM 104 O "O3'"  . DG A 1 4 ? 0.233   1.023   7.883   1.00 0.00 ? 4  DG A "O3'"  1 
ATOM 105 C "C2'"  . DG A 1 4 ? 0.173   -1.043  6.795   1.00 0.00 ? 4  DG A "C2'"  1 
ATOM 106 C "C1'"  . DG A 1 4 ? 1.481   -0.762  6.046   1.00 0.00 ? 4  DG A "C1'"  1 
ATOM 107 N N9     . DG A 1 4 ? 1.684   -1.626  4.879   1.00 0.00 ? 4  DG A N9     1 
ATOM 108 C C8     . DG A 1 4 ? 1.288   -2.917  4.732   1.00 0.00 ? 4  DG A C8     1 
ATOM 109 N N7     . DG A 1 4 ? 1.400   -3.389  3.514   1.00 0.00 ? 4  DG A N7     1 
ATOM 110 C C5     . DG A 1 4 ? 1.985   -2.310  2.818   1.00 0.00 ? 4  DG A C5     1 
ATOM 111 C C6     . DG A 1 4 ? 2.362   -2.133  1.438   1.00 0.00 ? 4  DG A C6     1 
ATOM 112 O O6     . DG A 1 4 ? 2.242   -2.907  0.490   1.00 0.00 ? 4  DG A O6     1 
ATOM 113 N N1     . DG A 1 4 ? 2.935   -0.905  1.176   1.00 0.00 ? 4  DG A N1     1 
ATOM 114 C C2     . DG A 1 4 ? 3.113   0.060   2.106   1.00 0.00 ? 4  DG A C2     1 
ATOM 115 N N2     . DG A 1 4 ? 3.677   1.166   1.728   1.00 0.00 ? 4  DG A N2     1 
ATOM 116 N N3     . DG A 1 4 ? 2.749   -0.032  3.378   1.00 0.00 ? 4  DG A N3     1 
ATOM 117 C C4     . DG A 1 4 ? 2.193   -1.244  3.669   1.00 0.00 ? 4  DG A C4     1 
ATOM 118 H "H5'"  . DG A 1 4 ? 3.365   -1.966  9.242   1.00 0.00 ? 4  DG A "H5'"  1 
ATOM 119 H "H5''" . DG A 1 4 ? 1.999   -1.454  10.240  1.00 0.00 ? 4  DG A "H5''" 1 
ATOM 120 H "H4'"  . DG A 1 4 ? 2.466   0.233   8.539   1.00 0.00 ? 4  DG A "H4'"  1 
ATOM 121 H "H3'"  . DG A 1 4 ? -0.121  -0.765  8.926   1.00 0.00 ? 4  DG A "H3'"  1 
ATOM 122 H "H2'"  . DG A 1 4 ? 0.003   -2.102  6.979   1.00 0.00 ? 4  DG A "H2'"  1 
ATOM 123 H "H2''" . DG A 1 4 ? -0.680  -0.586  6.293   1.00 0.00 ? 4  DG A "H2''" 1 
ATOM 124 H "H1'"  . DG A 1 4 ? 1.417   0.275   5.707   1.00 0.00 ? 4  DG A "H1'"  1 
ATOM 125 H H8     . DG A 1 4 ? 0.858   -3.391  5.604   1.00 0.00 ? 4  DG A H8     1 
ATOM 126 H H1     . DG A 1 4 ? 3.223   -0.710  0.230   1.00 0.00 ? 4  DG A H1     1 
ATOM 127 H H21    . DG A 1 4 ? 3.915   1.320   0.755   1.00 0.00 ? 4  DG A H21    1 
ATOM 128 H H22    . DG A 1 4 ? 3.792   1.897   2.414   1.00 0.00 ? 4  DG A H22    1 
ATOM 129 P P      . DA A 1 5 ? -0.035  2.062   9.048   1.00 0.00 ? 5  DA A P      1 
ATOM 130 O OP1    . DA A 1 5 ? 1.020   1.933   10.079  1.00 0.00 ? 5  DA A OP1    1 
ATOM 131 O OP2    . DA A 1 5 ? -1.459  1.959   9.441   1.00 0.00 ? 5  DA A OP2    1 
ATOM 132 O "O5'"  . DA A 1 5 ? 0.177   3.418   8.233   1.00 0.00 ? 5  DA A "O5'"  1 
ATOM 133 C "C5'"  . DA A 1 5 ? 1.485   3.832   7.838   1.00 0.00 ? 5  DA A "C5'"  1 
ATOM 134 C "C4'"  . DA A 1 5 ? 1.535   4.873   6.700   1.00 0.00 ? 5  DA A "C4'"  1 
ATOM 135 O "O4'"  . DA A 1 5 ? 1.650   4.229   5.435   1.00 0.00 ? 5  DA A "O4'"  1 
ATOM 136 C "C3'"  . DA A 1 5 ? 0.313   5.797   6.643   1.00 0.00 ? 5  DA A "C3'"  1 
ATOM 137 O "O3'"  . DA A 1 5 ? 0.683   7.145   6.360   1.00 0.00 ? 5  DA A "O3'"  1 
ATOM 138 C "C2'"  . DA A 1 5 ? -0.538  5.129   5.566   1.00 0.00 ? 5  DA A "C2'"  1 
ATOM 139 C "C1'"  . DA A 1 5 ? 0.475   4.421   4.664   1.00 0.00 ? 5  DA A "C1'"  1 
ATOM 140 N N9     . DA A 1 5 ? 0.047   3.099   4.130   1.00 0.00 ? 5  DA A N9     1 
ATOM 141 C C8     . DA A 1 5 ? -0.585  2.059   4.778   1.00 0.00 ? 5  DA A C8     1 
ATOM 142 N N7     . DA A 1 5 ? -0.774  0.993   4.038   1.00 0.00 ? 5  DA A N7     1 
ATOM 143 C C5     . DA A 1 5 ? -0.224  1.370   2.799   1.00 0.00 ? 5  DA A C5     1 
ATOM 144 C C6     . DA A 1 5 ? -0.084  0.750   1.532   1.00 0.00 ? 5  DA A C6     1 
ATOM 145 N N6     . DA A 1 5 ? -0.492  -0.465  1.230   1.00 0.00 ? 5  DA A N6     1 
ATOM 146 N N1     . DA A 1 5 ? 0.472   1.380   0.495   1.00 0.00 ? 5  DA A N1     1 
ATOM 147 C C2     . DA A 1 5 ? 0.908   2.612   0.703   1.00 0.00 ? 5  DA A C2     1 
ATOM 148 N N3     . DA A 1 5 ? 0.842   3.339   1.816   1.00 0.00 ? 5  DA A N3     1 
ATOM 149 C C4     . DA A 1 5 ? 0.267   2.648   2.846   1.00 0.00 ? 5  DA A C4     1 
ATOM 150 H "H5'"  . DA A 1 5 ? 2.055   2.962   7.509   1.00 0.00 ? 5  DA A "H5'"  1 
ATOM 151 H "H5''" . DA A 1 5 ? 1.994   4.240   8.708   1.00 0.00 ? 5  DA A "H5''" 1 
ATOM 152 H "H4'"  . DA A 1 5 ? 2.429   5.479   6.860   1.00 0.00 ? 5  DA A "H4'"  1 
ATOM 153 H "H3'"  . DA A 1 5 ? -0.222  5.768   7.584   1.00 0.00 ? 5  DA A "H3'"  1 
ATOM 154 H "H2'"  . DA A 1 5 ? -1.220  4.417   6.030   1.00 0.00 ? 5  DA A "H2'"  1 
ATOM 155 H "H2''" . DA A 1 5 ? -1.095  5.869   5.000   1.00 0.00 ? 5  DA A "H2''" 1 
ATOM 156 H "H1'"  . DA A 1 5 ? 0.687   5.087   3.823   1.00 0.00 ? 5  DA A "H1'"  1 
ATOM 157 H H8     . DA A 1 5 ? -0.900  2.120   5.814   1.00 0.00 ? 5  DA A H8     1 
ATOM 158 H H61    . DA A 1 5 ? -0.949  -1.048  1.916   1.00 0.00 ? 5  DA A H61    1 
ATOM 159 H H62    . DA A 1 5 ? -0.367  -0.764  0.271   1.00 0.00 ? 5  DA A H62    1 
ATOM 160 H H2     . DA A 1 5 ? 1.337   3.113   -0.153  1.00 0.00 ? 5  DA A H2     1 
ATOM 161 P P      . DG A 1 6 ? -0.368  8.353   6.489   1.00 0.00 ? 6  DG A P      1 
ATOM 162 O OP1    . DG A 1 6 ? 0.398   9.608   6.650   1.00 0.00 ? 6  DG A OP1    1 
ATOM 163 O OP2    . DG A 1 6 ? -1.378  8.021   7.516   1.00 0.00 ? 6  DG A OP2    1 
ATOM 164 O "O5'"  . DG A 1 6 ? -1.075  8.405   5.073   1.00 0.00 ? 6  DG A "O5'"  1 
ATOM 165 C "C5'"  . DG A 1 6 ? -0.318  8.753   3.919   1.00 0.00 ? 6  DG A "C5'"  1 
ATOM 166 C "C4'"  . DG A 1 6 ? -0.990  8.313   2.620   1.00 0.00 ? 6  DG A "C4'"  1 
ATOM 167 O "O4'"  . DG A 1 6 ? -1.008  6.896   2.507   1.00 0.00 ? 6  DG A "O4'"  1 
ATOM 168 C "C3'"  . DG A 1 6 ? -2.423  8.840   2.465   1.00 0.00 ? 6  DG A "C3'"  1 
ATOM 169 O "O3'"  . DG A 1 6 ? -2.485  9.468   1.198   1.00 0.00 ? 6  DG A "O3'"  1 
ATOM 170 C "C2'"  . DG A 1 6 ? -3.234  7.554   2.524   1.00 0.00 ? 6  DG A "C2'"  1 
ATOM 171 C "C1'"  . DG A 1 6 ? -2.264  6.565   1.928   1.00 0.00 ? 6  DG A "C1'"  1 
ATOM 172 N N9     . DG A 1 6 ? -2.618  5.152   2.193   1.00 0.00 ? 6  DG A N9     1 
ATOM 173 C C8     . DG A 1 6 ? -3.144  4.578   3.324   1.00 0.00 ? 6  DG A C8     1 
ATOM 174 N N7     . DG A 1 6 ? -3.426  3.305   3.202   1.00 0.00 ? 6  DG A N7     1 
ATOM 175 C C5     . DG A 1 6 ? -3.086  3.024   1.870   1.00 0.00 ? 6  DG A C5     1 
ATOM 176 C C6     . DG A 1 6 ? -3.158  1.816   1.085   1.00 0.00 ? 6  DG A C6     1 
ATOM 177 O O6     . DG A 1 6 ? -3.500  0.678   1.421   1.00 0.00 ? 6  DG A O6     1 
ATOM 178 N N1     . DG A 1 6 ? -2.740  1.992   -0.220  1.00 0.00 ? 6  DG A N1     1 
ATOM 179 C C2     . DG A 1 6 ? -2.230  3.151   -0.700  1.00 0.00 ? 6  DG A C2     1 
ATOM 180 N N2     . DG A 1 6 ? -1.828  3.192   -1.935  1.00 0.00 ? 6  DG A N2     1 
ATOM 181 N N3     . DG A 1 6 ? -2.111  4.276   -0.015  1.00 0.00 ? 6  DG A N3     1 
ATOM 182 C C4     . DG A 1 6 ? -2.572  4.150   1.263   1.00 0.00 ? 6  DG A C4     1 
ATOM 183 H "H5'"  . DG A 1 6 ? 0.663   8.278   3.956   1.00 0.00 ? 6  DG A "H5'"  1 
ATOM 184 H "H5''" . DG A 1 6 ? -0.174  9.834   3.891   1.00 0.00 ? 6  DG A "H5''" 1 
ATOM 185 H "H4'"  . DG A 1 6 ? -0.399  8.694   1.792   1.00 0.00 ? 6  DG A "H4'"  1 
ATOM 186 H "H3'"  . DG A 1 6 ? -2.714  9.517   3.267   1.00 0.00 ? 6  DG A "H3'"  1 
ATOM 187 H "H2'"  . DG A 1 6 ? -3.455  7.308   3.560   1.00 0.00 ? 6  DG A "H2'"  1 
ATOM 188 H "H2''" . DG A 1 6 ? -4.150  7.629   1.940   1.00 0.00 ? 6  DG A "H2''" 1 
ATOM 189 H "H1'"  . DG A 1 6 ? -2.247  6.749   0.848   1.00 0.00 ? 6  DG A "H1'"  1 
ATOM 190 H H8     . DG A 1 6 ? -3.289  5.147   4.234   1.00 0.00 ? 6  DG A H8     1 
ATOM 191 H H1     . DG A 1 6 ? -2.789  1.196   -0.835  1.00 0.00 ? 6  DG A H1     1 
ATOM 192 H H21    . DG A 1 6 ? -2.032  2.417   -2.557  1.00 0.00 ? 6  DG A H21    1 
ATOM 193 H H22    . DG A 1 6 ? -1.455  4.071   -2.253  1.00 0.00 ? 6  DG A H22    1 
ATOM 194 P P      . DC A 1 7 ? -3.643  10.456  0.744   1.00 0.00 ? 7  DC A P      1 
ATOM 195 O OP1    . DC A 1 7 ? -3.058  11.807  0.584   1.00 0.00 ? 7  DC A OP1    1 
ATOM 196 O OP2    . DC A 1 7 ? -4.831  10.280  1.607   1.00 0.00 ? 7  DC A OP2    1 
ATOM 197 O "O5'"  . DC A 1 7 ? -3.968  9.851   -0.692  1.00 0.00 ? 7  DC A "O5'"  1 
ATOM 198 C "C5'"  . DC A 1 7 ? -3.007  9.941   -1.738  1.00 0.00 ? 7  DC A "C5'"  1 
ATOM 199 C "C4'"  . DC A 1 7 ? -3.208  8.884   -2.826  1.00 0.00 ? 7  DC A "C4'"  1 
ATOM 200 O "O4'"  . DC A 1 7 ? -3.066  7.569   -2.302  1.00 0.00 ? 7  DC A "O4'"  1 
ATOM 201 C "C3'"  . DC A 1 7 ? -4.557  9.017   -3.528  1.00 0.00 ? 7  DC A "C3'"  1 
ATOM 202 O "O3'"  . DC A 1 7 ? -4.408  9.780   -4.723  1.00 0.00 ? 7  DC A "O3'"  1 
ATOM 203 C "C2'"  . DC A 1 7 ? -4.939  7.558   -3.772  1.00 0.00 ? 7  DC A "C2'"  1 
ATOM 204 C "C1'"  . DC A 1 7 ? -3.999  6.702   -2.920  1.00 0.00 ? 7  DC A "C1'"  1 
ATOM 205 N N1     . DC A 1 7 ? -4.729  5.928   -1.870  1.00 0.00 ? 7  DC A N1     1 
ATOM 206 C C2     . DC A 1 7 ? -5.079  4.597   -2.130  1.00 0.00 ? 7  DC A C2     1 
ATOM 207 O O2     . DC A 1 7 ? -4.901  4.093   -3.241  1.00 0.00 ? 7  DC A O2     1 
ATOM 208 N N3     . DC A 1 7 ? -5.624  3.816   -1.166  1.00 0.00 ? 7  DC A N3     1 
ATOM 209 C C4     . DC A 1 7 ? -5.852  4.351   0.018   1.00 0.00 ? 7  DC A C4     1 
ATOM 210 N N4     . DC A 1 7 ? -6.301  3.550   0.939   1.00 0.00 ? 7  DC A N4     1 
ATOM 211 C C5     . DC A 1 7 ? -5.578  5.710   0.329   1.00 0.00 ? 7  DC A C5     1 
ATOM 212 C C6     . DC A 1 7 ? -5.021  6.477   -0.644  1.00 0.00 ? 7  DC A C6     1 
ATOM 213 H "H5'"  . DC A 1 7 ? -2.003  9.809   -1.330  1.00 0.00 ? 7  DC A "H5'"  1 
ATOM 214 H "H5''" . DC A 1 7 ? -3.071  10.929  -2.194  1.00 0.00 ? 7  DC A "H5''" 1 
ATOM 215 H "H4'"  . DC A 1 7 ? -2.433  9.022   -3.581  1.00 0.00 ? 7  DC A "H4'"  1 
ATOM 216 H "H3'"  . DC A 1 7 ? -5.274  9.477   -2.847  1.00 0.00 ? 7  DC A "H3'"  1 
ATOM 217 H "H2'"  . DC A 1 7 ? -5.978  7.385   -3.523  1.00 0.00 ? 7  DC A "H2'"  1 
ATOM 218 H "H2''" . DC A 1 7 ? -4.775  7.296   -4.814  1.00 0.00 ? 7  DC A "H2''" 1 
ATOM 219 H "H1'"  . DC A 1 7 ? -3.473  6.013   -3.589  1.00 0.00 ? 7  DC A "H1'"  1 
ATOM 220 H H41    . DC A 1 7 ? -6.402  2.567   0.727   1.00 0.00 ? 7  DC A H41    1 
ATOM 221 H H42    . DC A 1 7 ? -6.428  3.927   1.875   1.00 0.00 ? 7  DC A H42    1 
ATOM 222 H H5     . DC A 1 7 ? -5.782  6.128   1.307   1.00 0.00 ? 7  DC A H5     1 
ATOM 223 H H6     . DC A 1 7 ? -4.778  7.518   -0.457  1.00 0.00 ? 7  DC A H6     1 
ATOM 224 P P      . DT A 1 8 ? -5.661  10.382  -5.515  1.00 0.00 ? 8  DT A P      1 
ATOM 225 O OP1    . DT A 1 8 ? -5.151  11.211  -6.634  1.00 0.00 ? 8  DT A OP1    1 
ATOM 226 O OP2    . DT A 1 8 ? -6.590  10.999  -4.536  1.00 0.00 ? 8  DT A OP2    1 
ATOM 227 O "O5'"  . DT A 1 8 ? -6.393  9.119   -6.147  1.00 0.00 ? 8  DT A "O5'"  1 
ATOM 228 C "C5'"  . DT A 1 8 ? -5.787  8.343   -7.175  1.00 0.00 ? 8  DT A "C5'"  1 
ATOM 229 C "C4'"  . DT A 1 8 ? -6.673  7.144   -7.537  1.00 0.00 ? 8  DT A "C4'"  1 
ATOM 230 O "O4'"  . DT A 1 8 ? -6.912  6.324   -6.412  1.00 0.00 ? 8  DT A "O4'"  1 
ATOM 231 C "C3'"  . DT A 1 8 ? -8.019  7.590   -8.117  1.00 0.00 ? 8  DT A "C3'"  1 
ATOM 232 O "O3'"  . DT A 1 8 ? -8.232  6.748   -9.239  1.00 0.00 ? 8  DT A "O3'"  1 
ATOM 233 C "C2'"  . DT A 1 8 ? -8.992  7.296   -6.977  1.00 0.00 ? 8  DT A "C2'"  1 
ATOM 234 C "C1'"  . DT A 1 8 ? -8.299  6.085   -6.348  1.00 0.00 ? 8  DT A "C1'"  1 
ATOM 235 N N1     . DT A 1 8 ? -8.651  5.838   -4.926  1.00 0.00 ? 8  DT A N1     1 
ATOM 236 C C2     . DT A 1 8 ? -8.959  4.530   -4.533  1.00 0.00 ? 8  DT A C2     1 
ATOM 237 O O2     . DT A 1 8 ? -9.084  3.589   -5.323  1.00 0.00 ? 8  DT A O2     1 
ATOM 238 N N3     . DT A 1 8 ? -9.121  4.309   -3.186  1.00 0.00 ? 8  DT A N3     1 
ATOM 239 C C4     . DT A 1 8 ? -8.985  5.256   -2.193  1.00 0.00 ? 8  DT A C4     1 
ATOM 240 O O4     . DT A 1 8 ? -9.080  4.900   -1.021  1.00 0.00 ? 8  DT A O4     1 
ATOM 241 C C5     . DT A 1 8 ? -8.690  6.607   -2.670  1.00 0.00 ? 8  DT A C5     1 
ATOM 242 C C7     . DT A 1 8 ? -8.523  7.755   -1.692  1.00 0.00 ? 8  DT A C7     1 
ATOM 243 C C6     . DT A 1 8 ? -8.532  6.850   -3.997  1.00 0.00 ? 8  DT A C6     1 
ATOM 244 H "H5'"  . DT A 1 8 ? -4.811  7.981   -6.856  1.00 0.00 ? 8  DT A "H5'"  1 
ATOM 245 H "H5''" . DT A 1 8 ? -5.646  8.958   -8.065  1.00 0.00 ? 8  DT A "H5''" 1 
ATOM 246 H "H4'"  . DT A 1 8 ? -6.180  6.516   -8.275  1.00 0.00 ? 8  DT A "H4'"  1 
ATOM 247 H "H3'"  . DT A 1 8 ? -8.002  8.649   -8.387  1.00 0.00 ? 8  DT A "H3'"  1 
ATOM 248 H "H2'"  . DT A 1 8 ? -9.067  8.137   -6.281  1.00 0.00 ? 8  DT A "H2'"  1 
ATOM 249 H "H2''" . DT A 1 8 ? -9.977  7.028   -7.358  1.00 0.00 ? 8  DT A "H2''" 1 
ATOM 250 H "H1'"  . DT A 1 8 ? -8.594  5.239   -6.973  1.00 0.00 ? 8  DT A "H1'"  1 
ATOM 251 H H3     . DT A 1 8 ? -9.333  3.364   -2.898  1.00 0.00 ? 8  DT A H3     1 
ATOM 252 H H71    . DT A 1 8 ? -7.689  7.552   -1.023  1.00 0.00 ? 8  DT A H71    1 
ATOM 253 H H72    . DT A 1 8 ? -8.362  8.692   -2.225  1.00 0.00 ? 8  DT A H72    1 
ATOM 254 H H73    . DT A 1 8 ? -9.424  7.847   -1.086  1.00 0.00 ? 8  DT A H73    1 
ATOM 255 H H6     . DT A 1 8 ? -8.213  7.828   -4.340  1.00 0.00 ? 8  DT A H6     1 
ATOM 256 P P      . DC A 1 9 ? -9.132  7.135   -10.480 1.00 0.00 ? 9  DC A P      1 
ATOM 257 O OP1    . DC A 1 9 ? -8.736  6.225   -11.572 1.00 0.00 ? 9  DC A OP1    1 
ATOM 258 O OP2    . DC A 1 9 ? -9.019  8.591   -10.710 1.00 0.00 ? 9  DC A OP2    1 
ATOM 259 O "O5'"  . DC A 1 9 ? -10.625 6.772   -10.046 1.00 0.00 ? 9  DC A "O5'"  1 
ATOM 260 C "C5'"  . DC A 1 9 ? -11.044 5.408   -10.017 1.00 0.00 ? 9  DC A "C5'"  1 
ATOM 261 C "C4'"  . DC A 1 9 ? -12.283 5.132   -9.152  1.00 0.00 ? 9  DC A "C4'"  1 
ATOM 262 O "O4'"  . DC A 1 9 ? -11.901 5.163   -7.776  1.00 0.00 ? 9  DC A "O4'"  1 
ATOM 263 C "C3'"  . DC A 1 9 ? -13.447 6.125   -9.345  1.00 0.00 ? 9  DC A "C3'"  1 
ATOM 264 O "O3'"  . DC A 1 9 ? -14.704 5.458   -9.364  1.00 0.00 ? 9  DC A "O3'"  1 
ATOM 265 C "C2'"  . DC A 1 9 ? -13.293 6.957   -8.082  1.00 0.00 ? 9  DC A "C2'"  1 
ATOM 266 C "C1'"  . DC A 1 9 ? -12.906 5.870   -7.084  1.00 0.00 ? 9  DC A "C1'"  1 
ATOM 267 N N1     . DC A 1 9 ? -12.461 6.342   -5.745  1.00 0.00 ? 9  DC A N1     1 
ATOM 268 C C2     . DC A 1 9 ? -12.485 5.418   -4.688  1.00 0.00 ? 9  DC A C2     1 
ATOM 269 O O2     . DC A 1 9 ? -12.692 4.214   -4.872  1.00 0.00 ? 9  DC A O2     1 
ATOM 270 N N3     . DC A 1 9 ? -12.299 5.820   -3.413  1.00 0.00 ? 9  DC A N3     1 
ATOM 271 C C4     . DC A 1 9 ? -12.122 7.104   -3.183  1.00 0.00 ? 9  DC A C4     1 
ATOM 272 N N4     . DC A 1 9 ? -12.012 7.430   -1.930  1.00 0.00 ? 9  DC A N4     1 
ATOM 273 C C5     . DC A 1 9 ? -12.037 8.084   -4.207  1.00 0.00 ? 9  DC A C5     1 
ATOM 274 C C6     . DC A 1 9 ? -12.228 7.671   -5.484  1.00 0.00 ? 9  DC A C6     1 
ATOM 275 H "H5'"  . DC A 1 9 ? -10.230 4.794   -9.628  1.00 0.00 ? 9  DC A "H5'"  1 
ATOM 276 H "H5''" . DC A 1 9 ? -11.250 5.074   -11.035 1.00 0.00 ? 9  DC A "H5''" 1 
ATOM 277 H "H4'"  . DC A 1 9 ? -12.646 4.133   -9.389  1.00 0.00 ? 9  DC A "H4'"  1 
ATOM 278 H "H3'"  . DC A 1 9 ? -13.319 6.740   -10.236 1.00 0.00 ? 9  DC A "H3'"  1 
ATOM 279 H "HO3'" . DC A 1 9 ? -15.412 6.091   -9.083  1.00 0.00 ? 9  DC A "HO3'" 1 
ATOM 280 H "H2'"  . DC A 1 9 ? -12.467 7.645   -8.250  1.00 0.00 ? 9  DC A "H2'"  1 
ATOM 281 H "H2''" . DC A 1 9 ? -14.171 7.513   -7.764  1.00 0.00 ? 9  DC A "H2''" 1 
ATOM 282 H "H1'"  . DC A 1 9 ? -13.750 5.197   -6.896  1.00 0.00 ? 9  DC A "H1'"  1 
ATOM 283 H H41    . DC A 1 9 ? -12.071 6.680   -1.258  1.00 0.00 ? 9  DC A H41    1 
ATOM 284 H H42    . DC A 1 9 ? -11.989 8.398   -1.647  1.00 0.00 ? 9  DC A H42    1 
ATOM 285 H H5     . DC A 1 9 ? -11.883 9.120   -3.959  1.00 0.00 ? 9  DC A H5     1 
ATOM 286 H H6     . DC A 1 9 ? -12.118 8.352   -6.320  1.00 0.00 ? 9  DC A H6     1 
ATOM 287 O "O5'"  . DG B 2 1 ? -14.485 0.900   5.078   1.00 0.00 ? 10 DG B "O5'"  1 
ATOM 288 C "C5'"  . DG B 2 1 ? -15.560 0.052   4.687   1.00 0.00 ? 10 DG B "C5'"  1 
ATOM 289 C "C4'"  . DG B 2 1 ? -15.304 -0.793  3.421   1.00 0.00 ? 10 DG B "C4'"  1 
ATOM 290 O "O4'"  . DG B 2 1 ? -15.040 0.079   2.327   1.00 0.00 ? 10 DG B "O4'"  1 
ATOM 291 C "C3'"  . DG B 2 1 ? -14.150 -1.802  3.511   1.00 0.00 ? 10 DG B "C3'"  1 
ATOM 292 O "O3'"  . DG B 2 1 ? -14.502 -2.976  2.783   1.00 0.00 ? 10 DG B "O3'"  1 
ATOM 293 C "C2'"  . DG B 2 1 ? -12.997 -1.030  2.876   1.00 0.00 ? 10 DG B "C2'"  1 
ATOM 294 C "C1'"  . DG B 2 1 ? -13.698 -0.089  1.887   1.00 0.00 ? 10 DG B "C1'"  1 
ATOM 295 N N9     . DG B 2 1 ? -13.089 1.264   1.763   1.00 0.00 ? 10 DG B N9     1 
ATOM 296 C C8     . DG B 2 1 ? -12.620 2.097   2.758   1.00 0.00 ? 10 DG B C8     1 
ATOM 297 N N7     . DG B 2 1 ? -12.234 3.276   2.345   1.00 0.00 ? 10 DG B N7     1 
ATOM 298 C C5     . DG B 2 1 ? -12.467 3.223   0.965   1.00 0.00 ? 10 DG B C5     1 
ATOM 299 C C6     . DG B 2 1 ? -12.298 4.222   -0.055  1.00 0.00 ? 10 DG B C6     1 
ATOM 300 O O6     . DG B 2 1 ? -11.945 5.396   0.064   1.00 0.00 ? 10 DG B O6     1 
ATOM 301 N N1     . DG B 2 1 ? -12.616 3.778   -1.319  1.00 0.00 ? 10 DG B N1     1 
ATOM 302 C C2     . DG B 2 1 ? -13.120 2.551   -1.579  1.00 0.00 ? 10 DG B C2     1 
ATOM 303 N N2     . DG B 2 1 ? -13.419 2.298   -2.825  1.00 0.00 ? 10 DG B N2     1 
ATOM 304 N N3     . DG B 2 1 ? -13.353 1.606   -0.665  1.00 0.00 ? 10 DG B N3     1 
ATOM 305 C C4     . DG B 2 1 ? -12.986 1.998   0.599   1.00 0.00 ? 10 DG B C4     1 
ATOM 306 H "H5'"  . DG B 2 1 ? -16.444 0.665   4.510   1.00 0.00 ? 10 DG B "H5'"  1 
ATOM 307 H "H5''" . DG B 2 1 ? -15.793 -0.621  5.511   1.00 0.00 ? 10 DG B "H5''" 1 
ATOM 308 H "H4'"  . DG B 2 1 ? -16.217 -1.354  3.221   1.00 0.00 ? 10 DG B "H4'"  1 
ATOM 309 H "H3'"  . DG B 2 1 ? -13.953 -2.050  4.557   1.00 0.00 ? 10 DG B "H3'"  1 
ATOM 310 H "H2'"  . DG B 2 1 ? -12.456 -0.487  3.646   1.00 0.00 ? 10 DG B "H2'"  1 
ATOM 311 H "H2''" . DG B 2 1 ? -12.308 -1.693  2.363   1.00 0.00 ? 10 DG B "H2''" 1 
ATOM 312 H "H1'"  . DG B 2 1 ? -13.759 -0.577  0.911   1.00 0.00 ? 10 DG B "H1'"  1 
ATOM 313 H H8     . DG B 2 1 ? -12.604 1.819   3.803   1.00 0.00 ? 10 DG B H8     1 
ATOM 314 H H1     . DG B 2 1 ? -12.512 4.438   -2.076  1.00 0.00 ? 10 DG B H1     1 
ATOM 315 H H21    . DG B 2 1 ? -13.202 2.978   -3.548  1.00 0.00 ? 10 DG B H21    1 
ATOM 316 H H22    . DG B 2 1 ? -13.832 1.410   -3.041  1.00 0.00 ? 10 DG B H22    1 
ATOM 317 H "HO5'" . DG B 2 1 ? -13.802 0.362   5.549   1.00 0.00 ? 10 DG B "HO5'" 1 
ATOM 318 P P      . DA B 2 2 ? -13.589 -4.286  2.703   1.00 0.00 ? 11 DA B P      1 
ATOM 319 O OP1    . DA B 2 2 ? -14.470 -5.469  2.831   1.00 0.00 ? 11 DA B OP1    1 
ATOM 320 O OP2    . DA B 2 2 ? -12.456 -4.167  3.649   1.00 0.00 ? 11 DA B OP2    1 
ATOM 321 O "O5'"  . DA B 2 2 ? -13.007 -4.304  1.215   1.00 0.00 ? 11 DA B "O5'"  1 
ATOM 322 C "C5'"  . DA B 2 2 ? -13.876 -4.570  0.112   1.00 0.00 ? 11 DA B "C5'"  1 
ATOM 323 C "C4'"  . DA B 2 2 ? -13.199 -4.638  -1.268  1.00 0.00 ? 11 DA B "C4'"  1 
ATOM 324 O "O4'"  . DA B 2 2 ? -12.788 -3.334  -1.667  1.00 0.00 ? 11 DA B "O4'"  1 
ATOM 325 C "C3'"  . DA B 2 2 ? -11.986 -5.579  -1.361  1.00 0.00 ? 11 DA B "C3'"  1 
ATOM 326 O "O3'"  . DA B 2 2 ? -11.967 -6.200  -2.643  1.00 0.00 ? 11 DA B "O3'"  1 
ATOM 327 C "C2'"  . DA B 2 2 ? -10.866 -4.589  -1.132  1.00 0.00 ? 11 DA B "C2'"  1 
ATOM 328 C "C1'"  . DA B 2 2 ? -11.376 -3.304  -1.785  1.00 0.00 ? 11 DA B "C1'"  1 
ATOM 329 N N9     . DA B 2 2 ? -10.873 -2.093  -1.109  1.00 0.00 ? 11 DA B N9     1 
ATOM 330 C C8     . DA B 2 2 ? -10.657 -1.931  0.230   1.00 0.00 ? 11 DA B C8     1 
ATOM 331 N N7     . DA B 2 2 ? -10.269 -0.735  0.588   1.00 0.00 ? 11 DA B N7     1 
ATOM 332 C C5     . DA B 2 2 ? -10.189 -0.067  -0.645  1.00 0.00 ? 11 DA B C5     1 
ATOM 333 C C6     . DA B 2 2 ? -9.823  1.238   -1.046  1.00 0.00 ? 11 DA B C6     1 
ATOM 334 N N6     . DA B 2 2 ? -9.443  2.192   -0.216  1.00 0.00 ? 11 DA B N6     1 
ATOM 335 N N1     . DA B 2 2 ? -9.809  1.588   -2.333  1.00 0.00 ? 11 DA B N1     1 
ATOM 336 C C2     . DA B 2 2 ? -10.167 0.673   -3.228  1.00 0.00 ? 11 DA B C2     1 
ATOM 337 N N3     . DA B 2 2 ? -10.559 -0.580  -3.012  1.00 0.00 ? 11 DA B N3     1 
ATOM 338 C C4     . DA B 2 2 ? -10.545 -0.888  -1.684  1.00 0.00 ? 11 DA B C4     1 
ATOM 339 H "H5'"  . DA B 2 2 ? -14.649 -3.800  0.076   1.00 0.00 ? 11 DA B "H5'"  1 
ATOM 340 H "H5''" . DA B 2 2 ? -14.375 -5.527  0.273   1.00 0.00 ? 11 DA B "H5''" 1 
ATOM 341 H "H4'"  . DA B 2 2 ? -13.955 -4.992  -1.966  1.00 0.00 ? 11 DA B "H4'"  1 
ATOM 342 H "H3'"  . DA B 2 2 ? -12.003 -6.313  -0.559  1.00 0.00 ? 11 DA B "H3'"  1 
ATOM 343 H "H2'"  . DA B 2 2 ? -10.723 -4.504  -0.060  1.00 0.00 ? 11 DA B "H2'"  1 
ATOM 344 H "H2''" . DA B 2 2 ? -9.939  -4.898  -1.566  1.00 0.00 ? 11 DA B "H2''" 1 
ATOM 345 H "H1'"  . DA B 2 2 ? -11.088 -3.298  -2.841  1.00 0.00 ? 11 DA B "H1'"  1 
ATOM 346 H H8     . DA B 2 2 ? -10.846 -2.749  0.911   1.00 0.00 ? 11 DA B H8     1 
ATOM 347 H H61    . DA B 2 2 ? -9.358  1.990   0.765   1.00 0.00 ? 11 DA B H61    1 
ATOM 348 H H62    . DA B 2 2 ? -9.222  3.110   -0.584  1.00 0.00 ? 11 DA B H62    1 
ATOM 349 H H2     . DA B 2 2 ? -10.099 0.973   -4.264  1.00 0.00 ? 11 DA B H2     1 
ATOM 350 P P      . DG B 2 3 ? -10.919 -7.340  -3.073  1.00 0.00 ? 12 DG B P      1 
ATOM 351 O OP1    . DG B 2 3 ? -11.559 -8.124  -4.153  1.00 0.00 ? 12 DG B OP1    1 
ATOM 352 O OP2    . DG B 2 3 ? -10.422 -8.061  -1.875  1.00 0.00 ? 12 DG B OP2    1 
ATOM 353 O "O5'"  . DG B 2 3 ? -9.693  -6.536  -3.699  1.00 0.00 ? 12 DG B "O5'"  1 
ATOM 354 C "C5'"  . DG B 2 3 ? -9.807  -5.909  -4.972  1.00 0.00 ? 12 DG B "C5'"  1 
ATOM 355 C "C4'"  . DG B 2 3 ? -8.692  -4.887  -5.215  1.00 0.00 ? 12 DG B "C4'"  1 
ATOM 356 O "O4'"  . DG B 2 3 ? -8.758  -3.846  -4.243  1.00 0.00 ? 12 DG B "O4'"  1 
ATOM 357 C "C3'"  . DG B 2 3 ? -7.252  -5.440  -5.248  1.00 0.00 ? 12 DG B "C3'"  1 
ATOM 358 O "O3'"  . DG B 2 3 ? -6.694  -5.191  -6.539  1.00 0.00 ? 12 DG B "O3'"  1 
ATOM 359 C "C2'"  . DG B 2 3 ? -6.572  -4.635  -4.146  1.00 0.00 ? 12 DG B "C2'"  1 
ATOM 360 C "C1'"  . DG B 2 3 ? -7.439  -3.391  -4.026  1.00 0.00 ? 12 DG B "C1'"  1 
ATOM 361 N N9     . DG B 2 3 ? -7.302  -2.709  -2.717  1.00 0.00 ? 12 DG B N9     1 
ATOM 362 C C8     . DG B 2 3 ? -7.371  -3.230  -1.447  1.00 0.00 ? 12 DG B C8     1 
ATOM 363 N N7     . DG B 2 3 ? -7.135  -2.360  -0.492  1.00 0.00 ? 12 DG B N7     1 
ATOM 364 C C5     . DG B 2 3 ? -6.875  -1.170  -1.198  1.00 0.00 ? 12 DG B C5     1 
ATOM 365 C C6     . DG B 2 3 ? -6.530  0.159   -0.755  1.00 0.00 ? 12 DG B C6     1 
ATOM 366 O O6     . DG B 2 3 ? -6.406  0.589   0.393   1.00 0.00 ? 12 DG B O6     1 
ATOM 367 N N1     . DG B 2 3 ? -6.310  1.046   -1.786  1.00 0.00 ? 12 DG B N1     1 
ATOM 368 C C2     . DG B 2 3 ? -6.471  0.738   -3.094  1.00 0.00 ? 12 DG B C2     1 
ATOM 369 N N2     . DG B 2 3 ? -6.235  1.683   -3.960  1.00 0.00 ? 12 DG B N2     1 
ATOM 370 N N3     . DG B 2 3 ? -6.801  -0.463  -3.555  1.00 0.00 ? 12 DG B N3     1 
ATOM 371 C C4     . DG B 2 3 ? -6.986  -1.381  -2.556  1.00 0.00 ? 12 DG B C4     1 
ATOM 372 H "H5'"  . DG B 2 3 ? -10.763 -5.386  -5.038  1.00 0.00 ? 12 DG B "H5'"  1 
ATOM 373 H "H5''" . DG B 2 3 ? -9.780  -6.667  -5.757  1.00 0.00 ? 12 DG B "H5''" 1 
ATOM 374 H "H4'"  . DG B 2 3 ? -8.805  -4.457  -6.209  1.00 0.00 ? 12 DG B "H4'"  1 
ATOM 375 H "H3'"  . DG B 2 3 ? -7.238  -6.507  -5.018  1.00 0.00 ? 12 DG B "H3'"  1 
ATOM 376 H "H2'"  . DG B 2 3 ? -6.602  -5.211  -3.222  1.00 0.00 ? 12 DG B "H2'"  1 
ATOM 377 H "H2''" . DG B 2 3 ? -5.553  -4.367  -4.395  1.00 0.00 ? 12 DG B "H2''" 1 
ATOM 378 H "H1'"  . DG B 2 3 ? -7.242  -2.647  -4.802  1.00 0.00 ? 12 DG B "H1'"  1 
ATOM 379 H H8     . DG B 2 3 ? -7.639  -4.269  -1.272  1.00 0.00 ? 12 DG B H8     1 
ATOM 380 H H1     . DG B 2 3 ? -6.057  1.991   -1.543  1.00 0.00 ? 12 DG B H1     1 
ATOM 381 H H21    . DG B 2 3 ? -5.879  2.583   -3.657  1.00 0.00 ? 12 DG B H21    1 
ATOM 382 H H22    . DG B 2 3 ? -6.475  1.509   -4.928  1.00 0.00 ? 12 DG B H22    1 
ATOM 383 P P      . DC B 2 4 ? -5.196  -5.553  -6.979  1.00 0.00 ? 13 DC B P      1 
ATOM 384 O OP1    . DC B 2 4 ? -5.203  -5.894  -8.415  1.00 0.00 ? 13 DC B OP1    1 
ATOM 385 O OP2    . DC B 2 4 ? -4.572  -6.492  -6.016  1.00 0.00 ? 13 DC B OP2    1 
ATOM 386 O "O5'"  . DC B 2 4 ? -4.451  -4.142  -6.882  1.00 0.00 ? 13 DC B "O5'"  1 
ATOM 387 C "C5'"  . DC B 2 4 ? -4.784  -3.115  -7.821  1.00 0.00 ? 13 DC B "C5'"  1 
ATOM 388 C "C4'"  . DC B 2 4 ? -4.088  -1.775  -7.578  1.00 0.00 ? 13 DC B "C4'"  1 
ATOM 389 O "O4'"  . DC B 2 4 ? -4.618  -1.149  -6.419  1.00 0.00 ? 13 DC B "O4'"  1 
ATOM 390 C "C3'"  . DC B 2 4 ? -2.572  -1.876  -7.408  1.00 0.00 ? 13 DC B "C3'"  1 
ATOM 391 O "O3'"  . DC B 2 4 ? -1.870  -1.800  -8.641  1.00 0.00 ? 13 DC B "O3'"  1 
ATOM 392 C "C2'"  . DC B 2 4 ? -2.277  -0.694  -6.498  1.00 0.00 ? 13 DC B "C2'"  1 
ATOM 393 C "C1'"  . DC B 2 4 ? -3.595  -0.409  -5.773  1.00 0.00 ? 13 DC B "C1'"  1 
ATOM 394 N N1     . DC B 2 4 ? -3.501  -0.825  -4.346  1.00 0.00 ? 13 DC B N1     1 
ATOM 395 C C2     . DC B 2 4 ? -3.088  0.120   -3.405  1.00 0.00 ? 13 DC B C2     1 
ATOM 396 O O2     . DC B 2 4 ? -2.720  1.246   -3.749  1.00 0.00 ? 13 DC B O2     1 
ATOM 397 N N3     . DC B 2 4 ? -3.057  -0.184  -2.088  1.00 0.00 ? 13 DC B N3     1 
ATOM 398 C C4     . DC B 2 4 ? -3.340  -1.415  -1.718  1.00 0.00 ? 13 DC B C4     1 
ATOM 399 N N4     . DC B 2 4 ? -3.341  -1.631  -0.437  1.00 0.00 ? 13 DC B N4     1 
ATOM 400 C C5     . DC B 2 4 ? -3.689  -2.446  -2.632  1.00 0.00 ? 13 DC B C5     1 
ATOM 401 C C6     . DC B 2 4 ? -3.769  -2.112  -3.946  1.00 0.00 ? 13 DC B C6     1 
ATOM 402 H "H5'"  . DC B 2 4 ? -5.861  -2.947  -7.800  1.00 0.00 ? 13 DC B "H5'"  1 
ATOM 403 H "H5''" . DC B 2 4 ? -4.528  -3.442  -8.829  1.00 0.00 ? 13 DC B "H5''" 1 
ATOM 404 H "H4'"  . DC B 2 4 ? -4.287  -1.124  -8.432  1.00 0.00 ? 13 DC B "H4'"  1 
ATOM 405 H "H3'"  . DC B 2 4 ? -2.338  -2.797  -6.879  1.00 0.00 ? 13 DC B "H3'"  1 
ATOM 406 H "H2'"  . DC B 2 4 ? -1.468  -0.930  -5.810  1.00 0.00 ? 13 DC B "H2'"  1 
ATOM 407 H "H2''" . DC B 2 4 ? -2.009  0.175   -7.097  1.00 0.00 ? 13 DC B "H2''" 1 
ATOM 408 H "H1'"  . DC B 2 4 ? -3.823  0.661   -5.828  1.00 0.00 ? 13 DC B "H1'"  1 
ATOM 409 H H41    . DC B 2 4 ? -3.235  -0.835  0.177   1.00 0.00 ? 13 DC B H41    1 
ATOM 410 H H42    . DC B 2 4 ? -3.513  -2.565  -0.086  1.00 0.00 ? 13 DC B H42    1 
ATOM 411 H H5     . DC B 2 4 ? -3.910  -3.451  -2.308  1.00 0.00 ? 13 DC B H5     1 
ATOM 412 H H6     . DC B 2 4 ? -4.062  -2.842  -4.691  1.00 0.00 ? 13 DC B H6     1 
ATOM 413 P P      . DT B 2 5 ? -0.317  -2.187  -8.742  1.00 0.00 ? 14 DT B P      1 
ATOM 414 O OP1    . DT B 2 5 ? 0.024   -2.243  -10.180 1.00 0.00 ? 14 DT B OP1    1 
ATOM 415 O OP2    . DT B 2 5 ? -0.076  -3.385  -7.906  1.00 0.00 ? 14 DT B OP2    1 
ATOM 416 O "O5'"  . DT B 2 5 ? 0.481   -0.955  -8.106  1.00 0.00 ? 14 DT B "O5'"  1 
ATOM 417 C "C5'"  . DT B 2 5 ? 0.506   0.312   -8.752  1.00 0.00 ? 14 DT B "C5'"  1 
ATOM 418 C "C4'"  . DT B 2 5 ? 1.439   1.338   -8.084  1.00 0.00 ? 14 DT B "C4'"  1 
ATOM 419 O "O4'"  . DT B 2 5 ? 1.019   1.618   -6.746  1.00 0.00 ? 14 DT B "O4'"  1 
ATOM 420 C "C3'"  . DT B 2 5 ? 2.906   0.885   -8.081  1.00 0.00 ? 14 DT B "C3'"  1 
ATOM 421 O "O3'"  . DT B 2 5 ? 3.768   1.928   -8.552  1.00 0.00 ? 14 DT B "O3'"  1 
ATOM 422 C "C2'"  . DT B 2 5 ? 3.103   0.486   -6.619  1.00 0.00 ? 14 DT B "C2'"  1 
ATOM 423 C "C1'"  . DT B 2 5 ? 2.048   1.270   -5.823  1.00 0.00 ? 14 DT B "C1'"  1 
ATOM 424 N N1     . DT B 2 5 ? 1.460   0.540   -4.653  1.00 0.00 ? 14 DT B N1     1 
ATOM 425 C C2     . DT B 2 5 ? 1.316   1.208   -3.420  1.00 0.00 ? 14 DT B C2     1 
ATOM 426 O O2     . DT B 2 5 ? 1.616   2.389   -3.238  1.00 0.00 ? 14 DT B O2     1 
ATOM 427 N N3     . DT B 2 5 ? 0.794   0.483   -2.367  1.00 0.00 ? 14 DT B N3     1 
ATOM 428 C C4     . DT B 2 5 ? 0.388   -0.829  -2.432  1.00 0.00 ? 14 DT B C4     1 
ATOM 429 O O4     . DT B 2 5 ? -0.055  -1.362  -1.422  1.00 0.00 ? 14 DT B O4     1 
ATOM 430 C C5     . DT B 2 5 ? 0.522   -1.458  -3.742  1.00 0.00 ? 14 DT B C5     1 
ATOM 431 C C7     . DT B 2 5 ? 0.072   -2.894  -3.946  1.00 0.00 ? 14 DT B C7     1 
ATOM 432 C C6     . DT B 2 5 ? 1.043   -0.768  -4.789  1.00 0.00 ? 14 DT B C6     1 
ATOM 433 H "H5'"  . DT B 2 5 ? -0.503  0.723   -8.791  1.00 0.00 ? 14 DT B "H5'"  1 
ATOM 434 H "H5''" . DT B 2 5 ? 0.847   0.177   -9.780  1.00 0.00 ? 14 DT B "H5''" 1 
ATOM 435 H "H4'"  . DT B 2 5 ? 1.374   2.257   -8.667  1.00 0.00 ? 14 DT B "H4'"  1 
ATOM 436 H "H3'"  . DT B 2 5 ? 3.023   0.005   -8.715  1.00 0.00 ? 14 DT B "H3'"  1 
ATOM 437 H "H2'"  . DT B 2 5 ? 2.978   -0.590  -6.532  1.00 0.00 ? 14 DT B "H2'"  1 
ATOM 438 H "H2''" . DT B 2 5 ? 4.094   0.746   -6.273  1.00 0.00 ? 14 DT B "H2''" 1 
ATOM 439 H "H1'"  . DT B 2 5 ? 2.542   2.175   -5.466  1.00 0.00 ? 14 DT B "H1'"  1 
ATOM 440 H H3     . DT B 2 5 ? 0.725   0.925   -1.461  1.00 0.00 ? 14 DT B H3     1 
ATOM 441 H H71    . DT B 2 5 ? 0.665   -3.551  -3.310  1.00 0.00 ? 14 DT B H71    1 
ATOM 442 H H72    . DT B 2 5 ? 0.188   -3.199  -4.986  1.00 0.00 ? 14 DT B H72    1 
ATOM 443 H H73    . DT B 2 5 ? -0.976  -2.992  -3.660  1.00 0.00 ? 14 DT B H73    1 
ATOM 444 H H6     . DT B 2 5 ? 1.120   -1.245  -5.757  1.00 0.00 ? 14 DT B H6     1 
ATOM 445 P P      . DC B 2 6 ? 5.380   1.794   -8.586  1.00 0.00 ? 15 DC B P      1 
ATOM 446 O OP1    . DC B 2 6 ? 5.910   2.714   -9.618  1.00 0.00 ? 15 DC B OP1    1 
ATOM 447 O OP2    . DC B 2 6 ? 5.746   0.358   -8.657  1.00 0.00 ? 15 DC B OP2    1 
ATOM 448 O "O5'"  . DC B 2 6 ? 5.801   2.358   -7.152  1.00 0.00 ? 15 DC B "O5'"  1 
ATOM 449 C "C5'"  . DC B 2 6 ? 5.501   3.704   -6.787  1.00 0.00 ? 15 DC B "C5'"  1 
ATOM 450 C "C4'"  . DC B 2 6 ? 5.569   3.965   -5.277  1.00 0.00 ? 15 DC B "C4'"  1 
ATOM 451 O "O4'"  . DC B 2 6 ? 4.765   3.030   -4.575  1.00 0.00 ? 15 DC B "O4'"  1 
ATOM 452 C "C3'"  . DC B 2 6 ? 6.977   3.954   -4.671  1.00 0.00 ? 15 DC B "C3'"  1 
ATOM 453 O "O3'"  . DC B 2 6 ? 7.226   5.240   -4.113  1.00 0.00 ? 15 DC B "O3'"  1 
ATOM 454 C "C2'"  . DC B 2 6 ? 6.906   2.862   -3.607  1.00 0.00 ? 15 DC B "C2'"  1 
ATOM 455 C "C1'"  . DC B 2 6 ? 5.404   2.709   -3.358  1.00 0.00 ? 15 DC B "C1'"  1 
ATOM 456 N N1     . DC B 2 6 ? 5.012   1.323   -2.982  1.00 0.00 ? 15 DC B N1     1 
ATOM 457 C C2     . DC B 2 6 ? 4.388   1.083   -1.755  1.00 0.00 ? 15 DC B C2     1 
ATOM 458 O O2     . DC B 2 6 ? 4.248   1.984   -0.922  1.00 0.00 ? 15 DC B O2     1 
ATOM 459 N N3     . DC B 2 6 ? 3.915   -0.155  -1.450  1.00 0.00 ? 15 DC B N3     1 
ATOM 460 C C4     . DC B 2 6 ? 4.076   -1.128  -2.328  1.00 0.00 ? 15 DC B C4     1 
ATOM 461 N N4     . DC B 2 6 ? 3.593   -2.301  -2.030  1.00 0.00 ? 15 DC B N4     1 
ATOM 462 C C5     . DC B 2 6 ? 4.706   -0.941  -3.586  1.00 0.00 ? 15 DC B C5     1 
ATOM 463 C C6     . DC B 2 6 ? 5.176   0.297   -3.876  1.00 0.00 ? 15 DC B C6     1 
ATOM 464 H "H5'"  . DC B 2 6 ? 4.485   3.943   -7.101  1.00 0.00 ? 15 DC B "H5'"  1 
ATOM 465 H "H5''" . DC B 2 6 ? 6.181   4.385   -7.302  1.00 0.00 ? 15 DC B "H5''" 1 
ATOM 466 H "H4'"  . DC B 2 6 ? 5.154   4.957   -5.102  1.00 0.00 ? 15 DC B "H4'"  1 
ATOM 467 H "H3'"  . DC B 2 6 ? 7.711   3.696   -5.433  1.00 0.00 ? 15 DC B "H3'"  1 
ATOM 468 H "H2'"  . DC B 2 6 ? 7.339   1.945   -4.004  1.00 0.00 ? 15 DC B "H2'"  1 
ATOM 469 H "H2''" . DC B 2 6 ? 7.419   3.153   -2.693  1.00 0.00 ? 15 DC B "H2''" 1 
ATOM 470 H "H1'"  . DC B 2 6 ? 5.102   3.433   -2.594  1.00 0.00 ? 15 DC B "H1'"  1 
ATOM 471 H H41    . DC B 2 6 ? 3.164   -2.445  -1.124  1.00 0.00 ? 15 DC B H41    1 
ATOM 472 H H42    . DC B 2 6 ? 3.725   -3.068  -2.675  1.00 0.00 ? 15 DC B H42    1 
ATOM 473 H H5     . DC B 2 6 ? 4.811   -1.739  -4.302  1.00 0.00 ? 15 DC B H5     1 
ATOM 474 H H6     . DC B 2 6 ? 5.657   0.498   -4.827  1.00 0.00 ? 15 DC B H6     1 
ATOM 475 P P      . DC B 2 7 ? 8.671   5.755   -3.682  1.00 0.00 ? 16 DC B P      1 
ATOM 476 O OP1    . DC B 2 7 ? 8.649   7.231   -3.753  1.00 0.00 ? 16 DC B OP1    1 
ATOM 477 O OP2    . DC B 2 7 ? 9.694   5.024   -4.468  1.00 0.00 ? 16 DC B OP2    1 
ATOM 478 O "O5'"  . DC B 2 7 ? 8.821   5.353   -2.146  1.00 0.00 ? 16 DC B "O5'"  1 
ATOM 479 C "C5'"  . DC B 2 7 ? 8.076   6.063   -1.156  1.00 0.00 ? 16 DC B "C5'"  1 
ATOM 480 C "C4'"  . DC B 2 7 ? 8.287   5.544   0.270   1.00 0.00 ? 16 DC B "C4'"  1 
ATOM 481 O "O4'"  . DC B 2 7 ? 7.742   4.234   0.378   1.00 0.00 ? 16 DC B "O4'"  1 
ATOM 482 C "C3'"  . DC B 2 7 ? 9.750   5.506   0.726   1.00 0.00 ? 16 DC B "C3'"  1 
ATOM 483 O "O3'"  . DC B 2 7 ? 9.796   6.016   2.055   1.00 0.00 ? 16 DC B "O3'"  1 
ATOM 484 C "C2'"  . DC B 2 7 ? 10.077  4.018   0.617   1.00 0.00 ? 16 DC B "C2'"  1 
ATOM 485 C "C1'"  . DC B 2 7 ? 8.724   3.361   0.903   1.00 0.00 ? 16 DC B "C1'"  1 
ATOM 486 N N1     . DC B 2 7 ? 8.470   1.999   0.339   1.00 0.00 ? 16 DC B N1     1 
ATOM 487 C C2     . DC B 2 7 ? 7.614   1.154   1.055   1.00 0.00 ? 16 DC B C2     1 
ATOM 488 O O2     . DC B 2 7 ? 7.169   1.476   2.160   1.00 0.00 ? 16 DC B O2     1 
ATOM 489 N N3     . DC B 2 7 ? 7.235   -0.046  0.551   1.00 0.00 ? 16 DC B N3     1 
ATOM 490 C C4     . DC B 2 7 ? 7.689   -0.402  -0.633  1.00 0.00 ? 16 DC B C4     1 
ATOM 491 N N4     . DC B 2 7 ? 7.268   -1.547  -1.084  1.00 0.00 ? 16 DC B N4     1 
ATOM 492 C C5     . DC B 2 7 ? 8.557   0.409   -1.416  1.00 0.00 ? 16 DC B C5     1 
ATOM 493 C C6     . DC B 2 7 ? 8.932   1.604   -0.896  1.00 0.00 ? 16 DC B C6     1 
ATOM 494 H "H5'"  . DC B 2 7 ? 7.013   5.995   -1.391  1.00 0.00 ? 16 DC B "H5'"  1 
ATOM 495 H "H5''" . DC B 2 7 ? 8.360   7.116   -1.178  1.00 0.00 ? 16 DC B "H5''" 1 
ATOM 496 H "H4'"  . DC B 2 7 ? 7.760   6.174   0.984   1.00 0.00 ? 16 DC B "H4'"  1 
ATOM 497 H "H3'"  . DC B 2 7 ? 10.385  6.098   0.064   1.00 0.00 ? 16 DC B "H3'"  1 
ATOM 498 H "H2'"  . DC B 2 7 ? 10.440  3.818   -0.385  1.00 0.00 ? 16 DC B "H2'"  1 
ATOM 499 H "H2''" . DC B 2 7 ? 10.823  3.715   1.346   1.00 0.00 ? 16 DC B "H2''" 1 
ATOM 500 H "H1'"  . DC B 2 7 ? 8.652   3.319   1.997   1.00 0.00 ? 16 DC B "H1'"  1 
ATOM 501 H H41    . DC B 2 7 ? 6.669   -2.110  -0.491  1.00 0.00 ? 16 DC B H41    1 
ATOM 502 H H42    . DC B 2 7 ? 7.573   -1.884  -1.987  1.00 0.00 ? 16 DC B H42    1 
ATOM 503 H H5     . DC B 2 7 ? 8.920   0.102   -2.383  1.00 0.00 ? 16 DC B H5     1 
ATOM 504 H H6     . DC B 2 7 ? 9.584   2.273   -1.443  1.00 0.00 ? 16 DC B H6     1 
ATOM 505 P P      . DA B 2 8 ? 11.142  6.180   2.898   1.00 0.00 ? 17 DA B P      1 
ATOM 506 O OP1    . DA B 2 8 ? 10.928  7.255   3.897   1.00 0.00 ? 17 DA B OP1    1 
ATOM 507 O OP2    . DA B 2 8 ? 12.307  6.250   1.986   1.00 0.00 ? 17 DA B OP2    1 
ATOM 508 O "O5'"  . DA B 2 8 ? 11.204  4.778   3.646   1.00 0.00 ? 17 DA B "O5'"  1 
ATOM 509 C "C5'"  . DA B 2 8 ? 10.233  4.396   4.610   1.00 0.00 ? 17 DA B "C5'"  1 
ATOM 510 C "C4'"  . DA B 2 8 ? 10.492  2.968   5.107   1.00 0.00 ? 17 DA B "C4'"  1 
ATOM 511 O "O4'"  . DA B 2 8 ? 10.013  1.978   4.216   1.00 0.00 ? 17 DA B "O4'"  1 
ATOM 512 C "C3'"  . DA B 2 8 ? 11.951  2.723   5.495   1.00 0.00 ? 17 DA B "C3'"  1 
ATOM 513 O "O3'"  . DA B 2 8 ? 11.938  2.677   6.925   1.00 0.00 ? 17 DA B "O3'"  1 
ATOM 514 C "C2'"  . DA B 2 8 ? 12.240  1.470   4.688   1.00 0.00 ? 17 DA B "C2'"  1 
ATOM 515 C "C1'"  . DA B 2 8 ? 10.875  0.875   4.337   1.00 0.00 ? 17 DA B "C1'"  1 
ATOM 516 N N9     . DA B 2 8 ? 10.799  0.053   3.126   1.00 0.00 ? 17 DA B N9     1 
ATOM 517 C C8     . DA B 2 8 ? 11.488  0.253   1.978   1.00 0.00 ? 17 DA B C8     1 
ATOM 518 N N7     . DA B 2 8 ? 11.313  -0.657  1.055   1.00 0.00 ? 17 DA B N7     1 
ATOM 519 C C5     . DA B 2 8 ? 10.411  -1.539  1.681   1.00 0.00 ? 17 DA B C5     1 
ATOM 520 C C6     . DA B 2 8 ? 9.788   -2.758  1.318   1.00 0.00 ? 17 DA B C6     1 
ATOM 521 N N6     . DA B 2 8 ? 9.927   -3.398  0.174   1.00 0.00 ? 17 DA B N6     1 
ATOM 522 N N1     . DA B 2 8 ? 8.983   -3.388  2.167   1.00 0.00 ? 17 DA B N1     1 
ATOM 523 C C2     . DA B 2 8 ? 8.767   -2.856  3.356   1.00 0.00 ? 17 DA B C2     1 
ATOM 524 N N3     . DA B 2 8 ? 9.254   -1.722  3.848   1.00 0.00 ? 17 DA B N3     1 
ATOM 525 C C4     . DA B 2 8 ? 10.088  -1.112  2.947   1.00 0.00 ? 17 DA B C4     1 
ATOM 526 H "H5'"  . DA B 2 8 ? 9.234   4.443   4.176   1.00 0.00 ? 17 DA B "H5'"  1 
ATOM 527 H "H5''" . DA B 2 8 ? 10.286  5.079   5.457   1.00 0.00 ? 17 DA B "H5''" 1 
ATOM 528 H "H4'"  . DA B 2 8 ? 9.945   2.747   6.015   1.00 0.00 ? 17 DA B "H4'"  1 
ATOM 529 H "H3'"  . DA B 2 8 ? 12.631  3.500   5.145   1.00 0.00 ? 17 DA B "H3'"  1 
ATOM 530 H "H2'"  . DA B 2 8 ? 12.807  1.749   3.802   1.00 0.00 ? 17 DA B "H2'"  1 
ATOM 531 H "H2''" . DA B 2 8 ? 12.805  0.797   5.299   1.00 0.00 ? 17 DA B "H2''" 1 
ATOM 532 H "H1'"  . DA B 2 8 ? 10.685  0.176   5.128   1.00 0.00 ? 17 DA B "H1'"  1 
ATOM 533 H H8     . DA B 2 8 ? 12.116  1.117   1.923   1.00 0.00 ? 17 DA B H8     1 
ATOM 534 H H61    . DA B 2 8 ? 10.515  -3.017  -0.547  1.00 0.00 ? 17 DA B H61    1 
ATOM 535 H H62    . DA B 2 8 ? 9.410   -4.260  0.047   1.00 0.00 ? 17 DA B H62    1 
ATOM 536 H H2     . DA B 2 8 ? 8.043   -3.440  3.909   1.00 0.00 ? 17 DA B H2     1 
ATOM 537 P P      . DT B 2 9 ? 12.882  1.796   7.855   1.00 0.00 ? 18 DT B P      1 
ATOM 538 O OP1    . DT B 2 9 ? 12.704  2.283   9.242   1.00 0.00 ? 18 DT B OP1    1 
ATOM 539 O OP2    . DT B 2 9 ? 14.240  1.739   7.266   1.00 0.00 ? 18 DT B OP2    1 
ATOM 540 O "O5'"  . DT B 2 9 ? 12.224  0.351   7.778   1.00 0.00 ? 18 DT B "O5'"  1 
ATOM 541 C "C5'"  . DT B 2 9 ? 10.879  0.137   8.198   1.00 0.00 ? 18 DT B "C5'"  1 
ATOM 542 C "C4'"  . DT B 2 9 ? 10.457  -1.332  8.082   1.00 0.00 ? 18 DT B "C4'"  1 
ATOM 543 O "O4'"  . DT B 2 9 ? 10.629  -1.720  6.729   1.00 0.00 ? 18 DT B "O4'"  1 
ATOM 544 C "C3'"  . DT B 2 9 ? 11.302  -2.272  8.963   1.00 0.00 ? 18 DT B "C3'"  1 
ATOM 545 O "O3'"  . DT B 2 9 ? 10.536  -3.340  9.510   1.00 0.00 ? 18 DT B "O3'"  1 
ATOM 546 C "C2'"  . DT B 2 9 ? 12.278  -2.853  7.949   1.00 0.00 ? 18 DT B "C2'"  1 
ATOM 547 C "C1'"  . DT B 2 9 ? 11.361  -2.922  6.724   1.00 0.00 ? 18 DT B "C1'"  1 
ATOM 548 N N1     . DT B 2 9 ? 12.022  -3.115  5.411   1.00 0.00 ? 18 DT B N1     1 
ATOM 549 C C2     . DT B 2 9 ? 11.678  -4.265  4.686   1.00 0.00 ? 18 DT B C2     1 
ATOM 550 O O2     . DT B 2 9 ? 11.030  -5.210  5.147   1.00 0.00 ? 18 DT B O2     1 
ATOM 551 N N3     . DT B 2 9 ? 12.135  -4.336  3.398   1.00 0.00 ? 18 DT B N3     1 
ATOM 552 C C4     . DT B 2 9 ? 13.040  -3.488  2.817   1.00 0.00 ? 18 DT B C4     1 
ATOM 553 O O4     . DT B 2 9 ? 13.416  -3.742  1.672   1.00 0.00 ? 18 DT B O4     1 
ATOM 554 C C5     . DT B 2 9 ? 13.487  -2.393  3.675   1.00 0.00 ? 18 DT B C5     1 
ATOM 555 C C7     . DT B 2 9 ? 14.624  -1.508  3.183   1.00 0.00 ? 18 DT B C7     1 
ATOM 556 C C6     . DT B 2 9 ? 12.948  -2.217  4.918   1.00 0.00 ? 18 DT B C6     1 
ATOM 557 H "H5'"  . DT B 2 9 ? 10.205  0.740   7.587   1.00 0.00 ? 18 DT B "H5'"  1 
ATOM 558 H "H5''" . DT B 2 9 ? 10.764  0.445   9.238   1.00 0.00 ? 18 DT B "H5''" 1 
ATOM 559 H "H4'"  . DT B 2 9 ? 9.410   -1.423  8.371   1.00 0.00 ? 18 DT B "H4'"  1 
ATOM 560 H "H3'"  . DT B 2 9 ? 11.734  -1.678  9.775   1.00 0.00 ? 18 DT B "H3'"  1 
ATOM 561 H "HO3'" . DT B 2 9 ? 10.997  -3.642  10.312  1.00 0.00 ? 18 DT B "HO3'" 1 
ATOM 562 H "H2'"  . DT B 2 9 ? 13.100  -2.158  7.787   1.00 0.00 ? 18 DT B "H2'"  1 
ATOM 563 H "H2''" . DT B 2 9 ? 12.639  -3.839  8.237   1.00 0.00 ? 18 DT B "H2''" 1 
ATOM 564 H "H1'"  . DT B 2 9 ? 10.613  -3.707  6.828   1.00 0.00 ? 18 DT B "H1'"  1 
ATOM 565 H H3     . DT B 2 9 ? 11.848  -5.131  2.846   1.00 0.00 ? 18 DT B H3     1 
ATOM 566 H H71    . DT B 2 9 ? 14.964  -0.799  3.932   1.00 0.00 ? 18 DT B H71    1 
ATOM 567 H H72    . DT B 2 9 ? 15.469  -2.144  2.921   1.00 0.00 ? 18 DT B H72    1 
ATOM 568 H H73    . DT B 2 9 ? 14.324  -0.984  2.277   1.00 0.00 ? 18 DT B H73    1 
ATOM 569 H H6     . DT B 2 9 ? 13.353  -1.447  5.564   1.00 0.00 ? 18 DT B H6     1 
# 
